data_8EWH
#
_entry.id   8EWH
#
_cell.length_a   89.414
_cell.length_b   83.702
_cell.length_c   95.408
_cell.angle_alpha   90.000
_cell.angle_beta   105.770
_cell.angle_gamma   90.000
#
_symmetry.space_group_name_H-M   'P 1 21 1'
#
loop_
_entity.id
_entity.type
_entity.pdbx_description
1 polymer '50S ribosomal subunit assembly factor BipA'
2 non-polymer 'SODIUM ION'
3 water water
#
_entity_poly.entity_id   1
_entity_poly.type   'polypeptide(L)'
_entity_poly.pdbx_seq_one_letter_code
;MIENLRNIAIIAHVDHGKTTLVDKLLQQSGTFDARAETQERVMDSNDLEKERGITILAKNTAIKWNDYRINIVDTPGHAD
FGGEVERVMSMVDSVLLVVDAFDGPMPQTRFVTKKAFAHGLKPIVVINKVDRPGARPDWVVDQVFDLFVNLDATDEQLDF
PIIYASALNGIAGLDHEDMAEDMTPLYQAIVDHVPAPDVDLDGPLQMQISQLDYNNYVGVIGIGRIKRGKVKPNQQVTII
DSEGKTRNAKVGKVLTHLGLERIDSNIAEAGDIIAITGLGELNISDTICDPQNVEALPALSVDEPTVSMFFCVNTSPFCG
KEGKFVTSRQILDRLNKELVHNVALRVEETEDADAFRVSGRGELHLSVLIENMRREGFELAVSRPKVIFREIDGRKQEPY
ENVTLDVEEQHQGSVMQALGERKGDLKNMNPDGKGRVRLDYVIPSRGLIGFRSEFMTMTSGTGLLYSTFSHYDDIRPGEV
GQRQNGVLISNGQGKAVAFALFGLQDRGKLFLGHGAEVYEGQIIGIHSRSNDLTVNCLTGKKLTNMRASGTDEAVILVPP
IKMSLEQALEFIDDDELVEVTPTSIRIRKRHLTENDRRRANRGQKEE
;
_entity_poly.pdbx_strand_id   A,B
#
loop_
_chem_comp.id
_chem_comp.type
_chem_comp.name
_chem_comp.formula
NA non-polymer 'SODIUM ION' 'Na 1'
#
# COMPACT_ATOMS: atom_id res chain seq x y z
N ILE A 2 -8.52 26.18 32.68
CA ILE A 2 -7.92 25.03 31.87
C ILE A 2 -8.95 23.91 31.76
N GLU A 3 -9.39 23.34 32.89
CA GLU A 3 -10.38 22.23 32.92
C GLU A 3 -11.75 22.73 32.41
N ASN A 4 -11.92 24.04 32.21
CA ASN A 4 -13.21 24.56 31.71
C ASN A 4 -13.11 24.88 30.20
N LEU A 5 -11.98 24.56 29.55
CA LEU A 5 -11.91 24.75 28.05
C LEU A 5 -12.48 23.50 27.35
N ARG A 6 -13.20 23.69 26.26
CA ARG A 6 -13.68 22.60 25.39
C ARG A 6 -13.35 22.98 23.95
N ASN A 7 -12.39 22.28 23.36
CA ASN A 7 -11.95 22.56 21.96
C ASN A 7 -12.54 21.48 21.05
N ILE A 8 -13.53 21.83 20.22
CA ILE A 8 -14.15 20.82 19.34
C ILE A 8 -14.13 21.30 17.88
N ALA A 9 -13.97 20.38 16.93
CA ALA A 9 -14.11 20.72 15.49
C ALA A 9 -15.56 20.45 15.04
N ILE A 10 -16.07 21.14 14.05
CA ILE A 10 -17.48 20.86 13.59
C ILE A 10 -17.48 20.33 12.14
N ILE A 11 -18.31 19.31 11.87
CA ILE A 11 -18.46 18.73 10.48
C ILE A 11 -19.94 18.74 10.05
N ALA A 12 -20.22 19.24 8.85
CA ALA A 12 -21.60 19.19 8.31
C ALA A 12 -21.60 19.35 6.79
N HIS A 13 -22.45 18.57 6.10
CA HIS A 13 -22.75 18.83 4.68
C HIS A 13 -23.10 20.31 4.56
N VAL A 14 -22.70 20.93 3.48
CA VAL A 14 -22.94 22.39 3.20
C VAL A 14 -24.39 22.83 3.54
N ASP A 15 -25.42 22.02 3.25
CA ASP A 15 -26.84 22.50 3.39
C ASP A 15 -27.48 22.05 4.72
N HIS A 16 -26.69 21.53 5.65
CA HIS A 16 -27.20 20.96 6.91
C HIS A 16 -27.09 21.94 8.09
N GLY A 17 -26.99 23.24 7.79
CA GLY A 17 -27.17 24.35 8.76
C GLY A 17 -26.22 24.34 9.94
N LYS A 18 -24.91 24.20 9.69
CA LYS A 18 -23.97 24.27 10.83
C LYS A 18 -23.81 25.73 11.25
N THR A 19 -23.88 26.67 10.32
CA THR A 19 -23.78 28.14 10.57
C THR A 19 -24.97 28.58 11.45
N THR A 20 -26.17 28.12 11.08
CA THR A 20 -27.44 28.36 11.78
C THR A 20 -27.32 27.82 13.22
N LEU A 21 -26.65 26.71 13.39
CA LEU A 21 -26.56 26.06 14.71
C LEU A 21 -25.53 26.79 15.57
N VAL A 22 -24.37 27.09 15.00
CA VAL A 22 -23.30 27.82 15.73
C VAL A 22 -23.83 29.17 16.17
N ASP A 23 -24.68 29.76 15.32
CA ASP A 23 -25.30 31.07 15.64
C ASP A 23 -26.24 30.91 16.84
N LYS A 24 -27.03 29.85 16.89
CA LYS A 24 -28.05 29.75 17.97
C LYS A 24 -27.35 29.47 19.28
N LEU A 25 -26.33 28.64 19.22
CA LEU A 25 -25.51 28.32 20.40
C LEU A 25 -24.84 29.59 20.91
N LEU A 26 -24.37 30.45 20.03
CA LEU A 26 -23.69 31.69 20.46
C LEU A 26 -24.71 32.69 21.08
N GLN A 27 -25.90 32.80 20.50
CA GLN A 27 -26.93 33.76 20.96
C GLN A 27 -27.48 33.35 22.33
N GLN A 28 -27.85 32.07 22.50
CA GLN A 28 -28.45 31.62 23.77
C GLN A 28 -27.43 31.63 24.90
N SER A 29 -26.13 31.58 24.60
CA SER A 29 -25.07 31.59 25.63
C SER A 29 -24.86 33.01 26.15
N GLY A 30 -25.49 34.00 25.52
CA GLY A 30 -25.33 35.41 25.88
C GLY A 30 -23.89 35.90 25.68
N THR A 31 -23.15 35.26 24.78
CA THR A 31 -21.78 35.75 24.46
C THR A 31 -21.90 37.07 23.71
N PHE A 32 -21.20 38.12 24.15
CA PHE A 32 -21.23 39.42 23.42
C PHE A 32 -21.05 39.17 21.92
N ASP A 33 -21.92 39.78 21.09
CA ASP A 33 -21.92 39.58 19.62
C ASP A 33 -21.53 40.90 18.95
N ALA A 34 -20.39 40.92 18.26
CA ALA A 34 -19.82 42.13 17.62
C ALA A 34 -20.52 42.46 16.27
N ARG A 35 -21.21 41.51 15.65
CA ARG A 35 -21.88 41.68 14.32
C ARG A 35 -23.27 42.30 14.52
N ALA A 36 -24.23 42.05 13.60
CA ALA A 36 -25.56 42.69 13.72
C ALA A 36 -26.66 41.91 12.99
N GLU A 37 -26.63 40.56 13.04
CA GLU A 37 -27.73 39.72 12.47
C GLU A 37 -28.67 39.25 13.60
N THR A 38 -30.00 39.29 13.37
CA THR A 38 -31.03 38.94 14.39
C THR A 38 -31.59 37.53 14.12
N GLN A 39 -32.34 37.37 13.02
CA GLN A 39 -32.92 36.08 12.59
C GLN A 39 -33.01 36.11 11.06
N GLU A 40 -32.30 35.21 10.38
CA GLU A 40 -32.32 35.18 8.89
C GLU A 40 -33.46 34.27 8.44
N ARG A 41 -33.82 34.33 7.16
CA ARG A 41 -34.94 33.53 6.61
C ARG A 41 -35.00 33.75 5.08
N ILE A 54 -21.48 36.43 6.18
CA ILE A 54 -21.29 35.36 5.15
C ILE A 54 -21.94 34.08 5.70
N THR A 55 -22.70 33.35 4.88
CA THR A 55 -23.37 32.11 5.36
C THR A 55 -22.34 30.97 5.38
N ILE A 56 -21.16 31.24 5.95
CA ILE A 56 -20.11 30.23 6.29
C ILE A 56 -19.57 30.61 7.67
N LEU A 57 -18.87 29.68 8.32
CA LEU A 57 -18.42 29.88 9.74
C LEU A 57 -17.14 30.67 9.77
N ALA A 58 -16.83 31.23 10.95
CA ALA A 58 -15.48 31.71 11.25
C ALA A 58 -14.59 30.49 11.46
N LYS A 59 -13.32 30.62 11.18
CA LYS A 59 -12.37 29.48 11.34
C LYS A 59 -12.38 29.06 12.81
N ASN A 60 -12.59 30.00 13.74
CA ASN A 60 -12.84 29.61 15.15
C ASN A 60 -13.94 30.51 15.75
N THR A 61 -14.92 29.88 16.36
CA THR A 61 -15.99 30.55 17.12
C THR A 61 -15.84 30.13 18.57
N ALA A 62 -15.75 31.09 19.47
CA ALA A 62 -15.56 30.79 20.90
C ALA A 62 -16.86 31.13 21.66
N ILE A 63 -17.48 30.14 22.29
CA ILE A 63 -18.75 30.35 23.04
C ILE A 63 -18.47 30.31 24.54
N LYS A 64 -19.00 31.31 25.28
CA LYS A 64 -18.93 31.28 26.76
C LYS A 64 -20.27 30.82 27.31
N TRP A 65 -20.26 29.63 27.94
CA TRP A 65 -21.48 29.05 28.55
C TRP A 65 -21.23 28.78 30.04
N ASN A 66 -21.90 29.52 30.92
CA ASN A 66 -21.65 29.41 32.38
C ASN A 66 -20.16 29.63 32.61
N ASP A 67 -19.49 28.66 33.24
CA ASP A 67 -18.04 28.82 33.53
C ASP A 67 -17.24 28.00 32.51
N TYR A 68 -17.84 27.69 31.35
CA TYR A 68 -17.16 26.89 30.30
C TYR A 68 -16.89 27.77 29.06
N ARG A 69 -15.78 27.47 28.37
CA ARG A 69 -15.39 28.12 27.07
C ARG A 69 -15.30 27.03 25.99
N ILE A 70 -16.15 27.13 24.98
CA ILE A 70 -16.19 26.13 23.90
C ILE A 70 -15.60 26.78 22.64
N ASN A 71 -14.49 26.26 22.15
CA ASN A 71 -13.91 26.71 20.87
C ASN A 71 -14.43 25.80 19.76
N ILE A 72 -15.21 26.34 18.85
CA ILE A 72 -15.69 25.54 17.69
C ILE A 72 -14.83 25.88 16.45
N VAL A 73 -13.98 24.95 16.08
CA VAL A 73 -13.07 25.10 14.94
C VAL A 73 -13.79 24.56 13.71
N ASP A 74 -13.91 25.38 12.66
CA ASP A 74 -14.53 24.93 11.37
C ASP A 74 -13.60 23.90 10.73
N THR A 75 -14.19 22.88 10.12
CA THR A 75 -13.47 21.83 9.34
C THR A 75 -13.36 22.26 7.89
N PRO A 76 -12.14 22.45 7.35
CA PRO A 76 -11.96 22.88 5.98
C PRO A 76 -12.75 22.00 5.00
N GLY A 77 -13.44 22.62 4.03
CA GLY A 77 -14.25 21.88 3.04
C GLY A 77 -13.50 21.66 1.72
N HIS A 78 -12.29 22.19 1.54
CA HIS A 78 -11.60 21.99 0.23
C HIS A 78 -10.95 20.57 0.15
N ALA A 79 -11.28 19.85 -0.93
CA ALA A 79 -10.92 18.46 -1.18
C ALA A 79 -9.39 18.25 -1.34
N ASP A 80 -8.63 19.25 -1.77
CA ASP A 80 -7.16 19.07 -1.96
C ASP A 80 -6.38 19.56 -0.71
N PHE A 81 -7.07 19.87 0.38
CA PHE A 81 -6.40 20.39 1.60
C PHE A 81 -6.62 19.42 2.80
N GLY A 82 -6.43 18.11 2.57
CA GLY A 82 -6.54 17.17 3.68
C GLY A 82 -5.46 17.45 4.70
N GLY A 83 -4.38 18.09 4.29
CA GLY A 83 -3.37 18.50 5.28
C GLY A 83 -4.03 19.35 6.37
N GLU A 84 -4.80 20.38 5.96
CA GLU A 84 -5.37 21.36 6.89
C GLU A 84 -6.39 20.68 7.81
N VAL A 85 -7.12 19.69 7.30
CA VAL A 85 -8.13 18.95 8.07
C VAL A 85 -7.42 18.22 9.19
N GLU A 86 -6.24 17.66 8.93
CA GLU A 86 -5.44 16.91 9.95
C GLU A 86 -4.99 17.85 11.05
N ARG A 87 -4.60 19.07 10.65
CA ARG A 87 -4.10 20.11 11.59
C ARG A 87 -5.22 20.55 12.53
N VAL A 88 -6.45 20.62 12.01
CA VAL A 88 -7.67 20.96 12.83
C VAL A 88 -7.87 19.87 13.88
N MET A 89 -7.87 18.62 13.45
CA MET A 89 -8.06 17.45 14.35
C MET A 89 -6.91 17.34 15.36
N SER A 90 -5.69 17.70 15.00
CA SER A 90 -4.55 17.64 15.95
C SER A 90 -4.69 18.72 17.02
N MET A 91 -5.55 19.70 16.78
CA MET A 91 -5.66 20.89 17.65
C MET A 91 -6.86 20.77 18.61
N VAL A 92 -7.84 19.93 18.25
CA VAL A 92 -9.08 19.78 19.03
C VAL A 92 -9.03 18.45 19.76
N ASP A 93 -10.06 18.20 20.58
CA ASP A 93 -10.16 16.99 21.45
C ASP A 93 -11.41 16.18 21.12
N SER A 94 -12.30 16.71 20.28
CA SER A 94 -13.55 16.01 19.83
C SER A 94 -13.98 16.54 18.47
N VAL A 95 -15.03 15.98 17.94
CA VAL A 95 -15.63 16.48 16.68
C VAL A 95 -17.13 16.52 16.88
N LEU A 96 -17.77 17.54 16.33
CA LEU A 96 -19.25 17.65 16.35
C LEU A 96 -19.75 17.32 14.94
N LEU A 97 -20.33 16.13 14.74
CA LEU A 97 -20.83 15.82 13.38
C LEU A 97 -22.33 16.22 13.33
N VAL A 98 -22.67 17.24 12.53
CA VAL A 98 -24.07 17.73 12.38
C VAL A 98 -24.69 17.07 11.14
N VAL A 99 -25.86 16.45 11.31
CA VAL A 99 -26.53 15.72 10.19
C VAL A 99 -28.00 16.08 10.13
N ASP A 100 -28.55 16.23 8.92
CA ASP A 100 -29.97 16.62 8.74
C ASP A 100 -30.90 15.48 9.23
N ALA A 101 -32.04 15.83 9.83
CA ALA A 101 -33.01 14.82 10.35
C ALA A 101 -33.68 14.07 9.18
N PHE A 102 -33.58 14.58 7.95
CA PHE A 102 -34.17 13.85 6.80
C PHE A 102 -33.08 13.25 5.91
N ASP A 103 -32.06 14.04 5.50
CA ASP A 103 -31.04 13.51 4.54
C ASP A 103 -30.21 12.41 5.19
N GLY A 104 -30.00 12.51 6.50
CA GLY A 104 -29.02 11.67 7.18
C GLY A 104 -27.62 12.07 6.72
N PRO A 105 -26.56 11.36 7.21
CA PRO A 105 -25.20 11.68 6.81
C PRO A 105 -25.11 11.42 5.30
N MET A 106 -24.39 12.28 4.61
CA MET A 106 -24.15 12.28 3.16
C MET A 106 -22.66 11.98 2.89
N PRO A 107 -22.32 11.51 1.68
CA PRO A 107 -20.96 11.06 1.40
C PRO A 107 -19.93 12.21 1.40
N GLN A 108 -20.35 13.45 1.13
CA GLN A 108 -19.43 14.63 1.09
C GLN A 108 -18.63 14.82 2.39
N THR A 109 -19.14 14.42 3.57
CA THR A 109 -18.44 14.70 4.87
C THR A 109 -17.68 13.45 5.38
N ARG A 110 -17.56 12.44 4.57
CA ARG A 110 -16.98 11.17 5.00
C ARG A 110 -15.49 11.30 5.13
N PHE A 111 -14.90 12.00 4.17
CA PHE A 111 -13.44 12.18 4.13
C PHE A 111 -12.99 12.85 5.42
N VAL A 112 -13.71 13.89 5.86
CA VAL A 112 -13.28 14.68 7.06
C VAL A 112 -13.63 13.88 8.31
N THR A 113 -14.75 13.17 8.27
CA THR A 113 -15.13 12.28 9.40
C THR A 113 -14.03 11.22 9.58
N LYS A 114 -13.57 10.62 8.47
CA LYS A 114 -12.50 9.58 8.52
C LYS A 114 -11.26 10.15 9.18
N LYS A 115 -10.94 11.41 8.87
CA LYS A 115 -9.73 12.04 9.50
C LYS A 115 -9.93 12.18 11.03
N ALA A 116 -11.12 12.61 11.44
CA ALA A 116 -11.42 12.77 12.87
C ALA A 116 -11.23 11.45 13.66
N PHE A 117 -11.77 10.35 13.13
CA PHE A 117 -11.66 8.99 13.75
C PHE A 117 -10.21 8.49 13.73
N ALA A 118 -9.50 8.70 12.62
CA ALA A 118 -8.08 8.32 12.46
C ALA A 118 -7.21 9.08 13.48
N HIS A 119 -7.59 10.33 13.84
CA HIS A 119 -6.82 11.03 14.89
C HIS A 119 -7.35 10.63 16.29
N GLY A 120 -8.21 9.61 16.36
CA GLY A 120 -8.62 9.03 17.63
C GLY A 120 -9.58 9.89 18.41
N LEU A 121 -10.37 10.73 17.74
CA LEU A 121 -11.36 11.64 18.40
C LEU A 121 -12.73 10.95 18.58
N LYS A 122 -13.37 11.19 19.73
CA LYS A 122 -14.73 10.69 20.03
C LYS A 122 -15.73 11.70 19.45
N PRO A 123 -16.73 11.25 18.70
CA PRO A 123 -17.70 12.17 18.11
C PRO A 123 -18.91 12.53 18.94
N ILE A 124 -19.44 13.73 18.74
CA ILE A 124 -20.76 14.16 19.27
C ILE A 124 -21.66 14.45 18.07
N VAL A 125 -22.75 13.71 17.97
CA VAL A 125 -23.65 13.78 16.79
C VAL A 125 -24.84 14.72 17.09
N VAL A 126 -25.08 15.66 16.20
CA VAL A 126 -26.28 16.52 16.30
C VAL A 126 -27.18 16.19 15.13
N ILE A 127 -28.40 15.76 15.41
CA ILE A 127 -29.35 15.56 14.30
C ILE A 127 -30.25 16.78 14.35
N ASN A 128 -30.01 17.73 13.43
CA ASN A 128 -30.76 19.01 13.49
C ASN A 128 -31.91 18.97 12.47
N LYS A 129 -32.70 20.03 12.46
CA LYS A 129 -33.97 20.09 11.68
C LYS A 129 -34.84 18.88 12.04
N VAL A 130 -35.03 18.59 13.32
CA VAL A 130 -35.81 17.38 13.73
C VAL A 130 -37.30 17.67 13.54
N ASP A 131 -37.68 18.96 13.45
CA ASP A 131 -39.10 19.34 13.31
C ASP A 131 -39.45 19.62 11.86
N ARG A 132 -38.54 19.45 10.92
CA ARG A 132 -38.88 19.78 9.51
C ARG A 132 -39.84 18.70 9.01
N PRO A 133 -40.72 19.01 8.03
CA PRO A 133 -41.59 18.00 7.42
C PRO A 133 -40.87 16.73 6.92
N GLY A 134 -41.36 15.56 7.33
CA GLY A 134 -40.81 14.28 6.85
C GLY A 134 -39.55 13.86 7.60
N ALA A 135 -39.19 14.53 8.69
CA ALA A 135 -37.97 14.13 9.45
C ALA A 135 -38.11 12.66 9.86
N ARG A 136 -37.01 11.91 9.77
CA ARG A 136 -36.89 10.48 10.17
C ARG A 136 -35.62 10.32 10.99
N PRO A 137 -35.56 10.94 12.19
CA PRO A 137 -34.37 10.91 13.04
C PRO A 137 -33.87 9.51 13.44
N ASP A 138 -34.80 8.58 13.69
CA ASP A 138 -34.44 7.20 14.09
C ASP A 138 -33.64 6.56 12.97
N TRP A 139 -34.09 6.74 11.74
CA TRP A 139 -33.41 6.19 10.54
C TRP A 139 -32.03 6.87 10.43
N VAL A 140 -31.94 8.18 10.62
CA VAL A 140 -30.62 8.90 10.58
C VAL A 140 -29.67 8.29 11.62
N VAL A 141 -30.18 7.93 12.80
CA VAL A 141 -29.32 7.26 13.84
C VAL A 141 -28.72 6.00 13.23
N ASP A 142 -29.58 5.13 12.68
CA ASP A 142 -29.09 3.88 12.04
C ASP A 142 -28.05 4.24 10.98
N GLN A 143 -28.29 5.30 10.15
CA GLN A 143 -27.31 5.65 9.08
C GLN A 143 -25.97 6.06 9.71
N VAL A 144 -26.02 6.80 10.81
CA VAL A 144 -24.79 7.33 11.43
C VAL A 144 -24.01 6.17 12.04
N PHE A 145 -24.73 5.27 12.67
CA PHE A 145 -24.11 4.08 13.30
C PHE A 145 -23.34 3.29 12.23
N ASP A 146 -23.98 3.04 11.09
CA ASP A 146 -23.39 2.27 9.97
C ASP A 146 -22.17 2.98 9.44
N LEU A 147 -22.22 4.30 9.32
CA LEU A 147 -21.06 5.06 8.82
C LEU A 147 -19.82 4.80 9.70
N PHE A 148 -19.97 4.97 11.01
CA PHE A 148 -18.86 4.86 11.99
C PHE A 148 -18.31 3.44 11.94
N VAL A 149 -19.20 2.46 11.89
CA VAL A 149 -18.74 1.07 11.76
C VAL A 149 -17.97 0.96 10.45
N ASN A 150 -18.45 1.63 9.40
CA ASN A 150 -17.75 1.56 8.10
C ASN A 150 -16.42 2.31 8.20
N LEU A 151 -16.28 3.18 9.17
CA LEU A 151 -15.02 3.96 9.34
C LEU A 151 -14.09 3.25 10.30
N ASP A 152 -14.38 1.99 10.64
CA ASP A 152 -13.51 1.22 11.59
C ASP A 152 -13.47 1.96 12.93
N ALA A 153 -14.63 2.37 13.44
CA ALA A 153 -14.66 3.08 14.73
C ALA A 153 -14.26 2.11 15.84
N THR A 154 -13.58 2.62 16.87
CA THR A 154 -13.30 1.86 18.11
C THR A 154 -14.58 1.80 18.97
N ASP A 155 -14.62 0.89 19.93
CA ASP A 155 -15.76 0.75 20.86
C ASP A 155 -16.01 2.12 21.51
N GLU A 156 -14.98 2.86 21.90
CA GLU A 156 -15.19 4.19 22.55
C GLU A 156 -15.77 5.19 21.52
N GLN A 157 -15.38 5.06 20.26
CA GLN A 157 -15.92 5.97 19.22
C GLN A 157 -17.37 5.58 18.87
N LEU A 158 -17.73 4.30 19.10
CA LEU A 158 -19.12 3.85 18.81
C LEU A 158 -20.04 4.17 19.98
N ASP A 159 -19.51 4.64 21.11
CA ASP A 159 -20.36 4.97 22.29
C ASP A 159 -20.44 6.49 22.36
N PHE A 160 -21.38 7.07 21.62
CA PHE A 160 -21.37 8.53 21.41
C PHE A 160 -22.74 9.13 21.67
N PRO A 161 -22.74 10.33 22.24
CA PRO A 161 -24.00 11.01 22.52
C PRO A 161 -24.66 11.50 21.22
N ILE A 162 -25.99 11.54 21.29
CA ILE A 162 -26.82 12.07 20.20
C ILE A 162 -27.67 13.17 20.81
N ILE A 163 -27.64 14.32 20.17
CA ILE A 163 -28.45 15.51 20.56
C ILE A 163 -29.31 15.88 19.37
N TYR A 164 -30.61 15.90 19.55
CA TYR A 164 -31.59 16.30 18.52
C TYR A 164 -31.71 17.81 18.62
N ALA A 165 -31.87 18.51 17.49
CA ALA A 165 -31.81 19.96 17.55
C ALA A 165 -32.70 20.60 16.51
N SER A 166 -33.23 21.77 16.86
CA SER A 166 -33.99 22.65 15.97
C SER A 166 -33.54 24.09 16.24
N ALA A 167 -32.53 24.53 15.53
CA ALA A 167 -32.03 25.93 15.55
C ALA A 167 -33.20 26.87 15.32
N LEU A 168 -34.11 26.51 14.41
CA LEU A 168 -35.31 27.32 14.11
C LEU A 168 -36.03 27.66 15.42
N ASN A 169 -36.38 26.64 16.22
CA ASN A 169 -37.14 26.82 17.48
C ASN A 169 -36.17 27.00 18.66
N GLY A 170 -34.87 26.87 18.43
CA GLY A 170 -33.84 27.08 19.48
C GLY A 170 -33.95 26.06 20.61
N ILE A 171 -34.12 24.79 20.26
CA ILE A 171 -34.34 23.70 21.26
C ILE A 171 -33.44 22.49 20.94
N ALA A 172 -33.07 21.75 21.97
CA ALA A 172 -32.26 20.53 21.80
C ALA A 172 -32.77 19.47 22.77
N GLY A 173 -32.42 18.22 22.53
CA GLY A 173 -32.69 17.16 23.53
C GLY A 173 -31.96 15.85 23.24
N LEU A 174 -31.81 15.01 24.27
CA LEU A 174 -31.38 13.58 24.14
C LEU A 174 -32.50 12.74 23.50
N ASP A 175 -33.75 13.21 23.57
CA ASP A 175 -34.98 12.53 23.11
C ASP A 175 -35.78 13.48 22.19
N HIS A 176 -35.93 13.13 20.91
CA HIS A 176 -36.58 14.03 19.91
C HIS A 176 -38.09 14.15 20.16
N GLU A 177 -38.66 13.26 20.98
CA GLU A 177 -40.13 13.21 21.26
C GLU A 177 -40.48 14.04 22.50
N ASP A 178 -39.45 14.42 23.26
CA ASP A 178 -39.58 15.22 24.50
C ASP A 178 -38.37 16.13 24.58
N MET A 179 -38.30 17.13 23.67
CA MET A 179 -37.22 18.13 23.57
C MET A 179 -37.31 19.13 24.74
N ALA A 180 -36.17 19.66 25.16
CA ALA A 180 -36.11 20.66 26.26
C ALA A 180 -36.62 22.03 25.76
N GLU A 181 -36.68 22.98 26.69
CA GLU A 181 -37.15 24.38 26.42
C GLU A 181 -36.12 25.12 25.58
N ASP A 182 -34.83 24.71 25.65
CA ASP A 182 -33.76 25.49 24.99
C ASP A 182 -32.62 24.55 24.54
N MET A 183 -31.42 25.09 24.29
CA MET A 183 -30.25 24.37 23.72
C MET A 183 -29.36 23.80 24.84
N THR A 184 -29.76 23.98 26.10
CA THR A 184 -29.00 23.50 27.30
C THR A 184 -28.40 22.13 27.03
N PRO A 185 -29.15 21.11 26.57
CA PRO A 185 -28.60 19.78 26.31
C PRO A 185 -27.37 19.66 25.40
N LEU A 186 -27.30 20.50 24.35
CA LEU A 186 -26.13 20.44 23.44
C LEU A 186 -24.87 20.94 24.16
N TYR A 187 -24.98 22.07 24.85
CA TYR A 187 -23.86 22.58 25.66
C TYR A 187 -23.41 21.51 26.68
N GLN A 188 -24.36 20.86 27.37
CA GLN A 188 -24.05 19.90 28.46
C GLN A 188 -23.38 18.66 27.87
N ALA A 189 -23.82 18.24 26.69
CA ALA A 189 -23.21 17.12 25.97
C ALA A 189 -21.73 17.46 25.65
N ILE A 190 -21.49 18.70 25.26
CA ILE A 190 -20.10 19.08 24.92
C ILE A 190 -19.24 19.10 26.17
N VAL A 191 -19.68 19.69 27.28
CA VAL A 191 -18.74 19.76 28.46
C VAL A 191 -18.61 18.39 29.12
N ASP A 192 -19.65 17.57 29.06
CA ASP A 192 -19.58 16.19 29.66
C ASP A 192 -18.66 15.26 28.86
N HIS A 193 -18.71 15.32 27.52
CA HIS A 193 -18.11 14.21 26.72
C HIS A 193 -16.85 14.60 25.99
N VAL A 194 -16.55 15.89 25.90
CA VAL A 194 -15.32 16.40 25.27
C VAL A 194 -14.33 16.63 26.40
N PRO A 195 -13.16 15.96 26.40
CA PRO A 195 -12.17 16.19 27.43
C PRO A 195 -11.58 17.59 27.38
N ALA A 196 -11.21 18.14 28.54
CA ALA A 196 -10.47 19.43 28.57
C ALA A 196 -9.14 19.23 27.86
N PRO A 197 -8.52 20.29 27.31
CA PRO A 197 -7.23 20.12 26.64
C PRO A 197 -6.17 19.53 27.60
N ASP A 198 -5.37 18.56 27.11
CA ASP A 198 -4.29 17.93 27.93
C ASP A 198 -3.02 18.77 27.77
N VAL A 199 -2.75 19.64 28.75
CA VAL A 199 -1.69 20.66 28.55
C VAL A 199 -1.01 20.95 29.89
N ASP A 200 0.22 21.46 29.78
CA ASP A 200 1.11 21.85 30.91
C ASP A 200 1.10 23.39 30.97
N LEU A 201 0.36 23.94 31.94
CA LEU A 201 0.18 25.40 32.07
C LEU A 201 1.44 26.09 32.61
N ASP A 202 2.25 25.38 33.41
CA ASP A 202 3.37 26.01 34.19
C ASP A 202 4.73 25.83 33.48
N GLY A 203 4.86 24.89 32.53
CA GLY A 203 6.14 24.74 31.79
C GLY A 203 6.38 25.91 30.84
N PRO A 204 7.53 25.92 30.13
CA PRO A 204 7.87 27.05 29.26
C PRO A 204 7.03 27.06 27.98
N LEU A 205 6.75 28.28 27.48
CA LEU A 205 5.97 28.54 26.27
C LEU A 205 6.38 27.59 25.15
N GLN A 206 5.39 26.90 24.59
CA GLN A 206 5.54 26.05 23.40
C GLN A 206 4.22 26.13 22.63
N MET A 207 4.24 26.73 21.43
CA MET A 207 3.00 26.93 20.63
C MET A 207 3.31 26.66 19.15
N GLN A 208 2.48 25.80 18.54
CA GLN A 208 2.69 25.41 17.15
C GLN A 208 1.70 26.15 16.26
N ILE A 209 2.18 26.64 15.13
CA ILE A 209 1.40 27.31 14.07
C ILE A 209 0.64 26.22 13.30
N SER A 210 -0.67 26.23 13.40
CA SER A 210 -1.58 25.23 12.78
C SER A 210 -2.23 25.82 11.53
N GLN A 211 -2.48 27.12 11.54
CA GLN A 211 -3.19 27.81 10.42
C GLN A 211 -2.56 29.18 10.25
N LEU A 212 -2.65 29.73 9.05
CA LEU A 212 -2.14 31.09 8.75
C LEU A 212 -3.27 31.96 8.20
N ASP A 213 -3.21 33.25 8.49
CA ASP A 213 -4.27 34.19 8.05
C ASP A 213 -3.55 35.53 7.82
N TYR A 214 -4.22 36.51 7.25
CA TYR A 214 -3.52 37.79 6.95
C TYR A 214 -4.49 38.95 7.06
N ASN A 215 -4.02 40.08 7.57
CA ASN A 215 -4.85 41.30 7.38
C ASN A 215 -3.92 42.49 7.35
N ASN A 216 -4.32 43.50 6.59
CA ASN A 216 -3.48 44.67 6.24
C ASN A 216 -3.14 45.47 7.51
N TYR A 217 -3.81 45.20 8.62
CA TYR A 217 -3.55 46.01 9.84
C TYR A 217 -2.29 45.51 10.55
N VAL A 218 -1.97 44.22 10.40
CA VAL A 218 -0.85 43.61 11.18
C VAL A 218 -0.02 42.68 10.32
N GLY A 219 -0.55 42.27 9.16
CA GLY A 219 0.21 41.33 8.33
C GLY A 219 -0.10 39.89 8.69
N VAL A 220 0.93 39.05 8.73
CA VAL A 220 0.78 37.59 8.91
C VAL A 220 0.27 37.30 10.31
N ILE A 221 -0.74 36.44 10.37
CA ILE A 221 -1.37 35.98 11.63
C ILE A 221 -1.16 34.48 11.77
N GLY A 222 -0.52 34.05 12.86
CA GLY A 222 -0.37 32.62 13.17
C GLY A 222 -1.49 32.15 14.07
N ILE A 223 -2.03 30.96 13.80
CA ILE A 223 -3.19 30.45 14.58
C ILE A 223 -2.81 29.10 15.14
N GLY A 224 -3.11 28.85 16.42
CA GLY A 224 -2.74 27.54 16.95
C GLY A 224 -3.22 27.34 18.34
N ARG A 225 -3.08 26.11 18.81
CA ARG A 225 -3.37 25.70 20.21
C ARG A 225 -2.07 25.76 20.99
N ILE A 226 -2.04 26.52 22.10
CA ILE A 226 -0.81 26.64 22.95
C ILE A 226 -0.63 25.30 23.65
N LYS A 227 0.47 24.60 23.37
CA LYS A 227 0.72 23.26 23.96
C LYS A 227 1.11 23.39 25.44
N ARG A 228 1.89 24.43 25.78
CA ARG A 228 2.37 24.56 27.17
C ARG A 228 2.83 25.98 27.47
N GLY A 229 2.59 26.42 28.70
CA GLY A 229 3.03 27.75 29.17
C GLY A 229 2.08 28.84 28.75
N LYS A 230 2.59 30.07 28.70
CA LYS A 230 1.81 31.31 28.52
C LYS A 230 2.53 32.26 27.55
N VAL A 231 1.78 33.18 26.93
CA VAL A 231 2.33 34.11 25.90
C VAL A 231 1.72 35.50 26.09
N LYS A 232 2.54 36.55 26.01
CA LYS A 232 2.11 37.95 26.21
C LYS A 232 2.58 38.80 25.04
N PRO A 233 1.95 39.99 24.79
CA PRO A 233 2.46 40.92 23.81
C PRO A 233 3.90 41.33 24.16
N ASN A 234 4.75 41.53 23.14
CA ASN A 234 6.16 42.01 23.31
C ASN A 234 7.02 40.96 24.02
N GLN A 235 6.57 39.72 24.09
CA GLN A 235 7.40 38.65 24.68
C GLN A 235 8.50 38.28 23.68
N GLN A 236 9.70 38.01 24.17
CA GLN A 236 10.83 37.51 23.35
C GLN A 236 10.62 36.02 23.15
N VAL A 237 10.58 35.56 21.90
CA VAL A 237 10.41 34.12 21.61
C VAL A 237 11.45 33.67 20.60
N THR A 238 11.74 32.38 20.65
CA THR A 238 12.59 31.71 19.64
C THR A 238 11.67 30.79 18.82
N ILE A 239 11.58 31.02 17.50
CA ILE A 239 10.70 30.18 16.63
C ILE A 239 11.56 29.08 16.02
N ILE A 240 11.08 27.83 16.01
CA ILE A 240 11.87 26.71 15.41
C ILE A 240 11.00 25.99 14.36
N ASP A 241 11.57 25.78 13.19
CA ASP A 241 10.79 25.15 12.10
C ASP A 241 10.99 23.64 12.17
N SER A 242 10.29 22.88 11.31
CA SER A 242 10.33 21.39 11.32
C SER A 242 11.57 20.88 10.58
N GLU A 243 12.46 21.80 10.17
CA GLU A 243 13.78 21.46 9.60
C GLU A 243 14.84 21.76 10.67
N GLY A 244 14.40 22.18 11.88
CA GLY A 244 15.28 22.41 13.04
C GLY A 244 15.93 23.79 13.04
N LYS A 245 15.77 24.57 11.96
CA LYS A 245 16.41 25.91 11.89
C LYS A 245 15.64 26.88 12.82
N THR A 246 16.35 27.78 13.49
CA THR A 246 15.73 28.64 14.53
C THR A 246 15.93 30.13 14.23
N ARG A 247 15.07 31.00 14.82
CA ARG A 247 15.20 32.47 14.69
C ARG A 247 14.50 33.14 15.87
N ASN A 248 15.09 34.23 16.38
CA ASN A 248 14.53 34.97 17.54
C ASN A 248 13.53 35.99 17.03
N ALA A 249 12.52 36.33 17.83
CA ALA A 249 11.49 37.30 17.38
C ALA A 249 10.77 37.85 18.60
N LYS A 250 9.92 38.84 18.34
CA LYS A 250 9.19 39.55 19.42
C LYS A 250 7.71 39.46 19.11
N VAL A 251 6.95 38.88 20.03
CA VAL A 251 5.48 38.81 19.83
C VAL A 251 4.93 40.23 19.76
N GLY A 252 4.14 40.50 18.73
CA GLY A 252 3.40 41.77 18.67
C GLY A 252 2.13 41.61 19.47
N LYS A 253 1.10 40.99 18.85
CA LYS A 253 -0.21 40.95 19.55
C LYS A 253 -0.64 39.52 19.79
N VAL A 254 -1.24 39.31 20.97
CA VAL A 254 -1.85 38.02 21.39
C VAL A 254 -3.38 38.18 21.33
N LEU A 255 -4.02 37.34 20.52
CA LEU A 255 -5.46 37.52 20.22
C LEU A 255 -6.23 36.28 20.67
N THR A 256 -7.19 36.49 21.55
CA THR A 256 -8.05 35.41 22.07
C THR A 256 -9.32 35.39 21.21
N HIS A 257 -10.12 34.33 21.30
CA HIS A 257 -11.38 34.24 20.54
C HIS A 257 -12.59 34.49 21.46
N LEU A 258 -13.50 35.36 21.01
CA LEU A 258 -14.78 35.63 21.71
C LEU A 258 -15.86 35.73 20.62
N GLY A 259 -16.77 34.78 20.60
CA GLY A 259 -17.76 34.75 19.51
C GLY A 259 -17.06 34.66 18.17
N LEU A 260 -17.44 35.51 17.22
CA LEU A 260 -16.81 35.45 15.87
C LEU A 260 -15.60 36.41 15.78
N GLU A 261 -15.15 36.96 16.91
CA GLU A 261 -14.12 38.04 16.84
C GLU A 261 -12.86 37.67 17.60
N ARG A 262 -11.75 38.30 17.20
CA ARG A 262 -10.45 38.21 17.90
C ARG A 262 -10.32 39.42 18.82
N ILE A 263 -9.82 39.18 20.03
CA ILE A 263 -9.75 40.24 21.06
C ILE A 263 -8.28 40.47 21.43
N ASP A 264 -7.82 41.73 21.35
CA ASP A 264 -6.48 42.12 21.87
C ASP A 264 -6.43 41.72 23.35
N SER A 265 -5.55 40.77 23.71
CA SER A 265 -5.48 40.22 25.09
C SER A 265 -4.08 40.41 25.68
N ASN A 266 -3.97 40.58 26.99
CA ASN A 266 -2.62 40.84 27.59
C ASN A 266 -1.95 39.51 27.95
N ILE A 267 -2.67 38.39 27.77
CA ILE A 267 -2.09 37.06 28.09
C ILE A 267 -2.95 35.95 27.43
N ALA A 268 -2.40 34.76 27.31
CA ALA A 268 -3.11 33.58 26.80
C ALA A 268 -2.31 32.36 27.25
N GLU A 269 -3.02 31.28 27.58
CA GLU A 269 -2.44 30.17 28.35
C GLU A 269 -2.64 28.86 27.60
N ALA A 270 -1.95 27.81 28.04
CA ALA A 270 -2.00 26.49 27.39
C ALA A 270 -3.45 25.98 27.31
N GLY A 271 -3.76 25.27 26.23
CA GLY A 271 -5.11 24.76 25.97
C GLY A 271 -5.89 25.71 25.09
N ASP A 272 -5.53 26.99 25.11
CA ASP A 272 -6.30 28.01 24.36
C ASP A 272 -5.87 28.08 22.89
N ILE A 273 -6.84 28.28 22.01
CA ILE A 273 -6.63 28.42 20.53
C ILE A 273 -6.54 29.91 20.27
N ILE A 274 -5.41 30.36 19.73
CA ILE A 274 -5.18 31.82 19.68
C ILE A 274 -4.56 32.22 18.36
N ALA A 275 -4.69 33.51 18.04
CA ALA A 275 -4.00 34.14 16.90
C ALA A 275 -2.84 34.96 17.44
N ILE A 276 -1.70 34.93 16.75
CA ILE A 276 -0.54 35.71 17.23
C ILE A 276 0.03 36.47 16.05
N THR A 277 0.56 37.68 16.31
CA THR A 277 1.10 38.54 15.23
C THR A 277 2.47 39.11 15.59
N GLY A 278 3.07 39.80 14.63
CA GLY A 278 4.36 40.48 14.82
C GLY A 278 5.53 39.51 14.74
N LEU A 279 5.30 38.29 14.24
CA LEU A 279 6.41 37.30 14.21
C LEU A 279 6.89 37.07 12.78
N GLY A 280 6.69 38.04 11.88
CA GLY A 280 7.15 37.89 10.49
C GLY A 280 6.52 36.69 9.78
N GLU A 281 7.29 36.05 8.88
CA GLU A 281 6.81 35.00 7.95
C GLU A 281 6.68 33.65 8.66
N LEU A 282 5.71 33.52 9.57
CA LEU A 282 5.41 32.22 10.20
C LEU A 282 4.97 31.22 9.13
N ASN A 283 5.37 29.97 9.32
CA ASN A 283 4.99 28.84 8.43
C ASN A 283 4.28 27.79 9.26
N ILE A 284 3.41 27.00 8.59
CA ILE A 284 2.77 25.82 9.23
C ILE A 284 3.86 24.94 9.89
N SER A 285 3.60 24.52 11.13
CA SER A 285 4.38 23.59 11.99
C SER A 285 5.54 24.31 12.70
N ASP A 286 5.67 25.64 12.50
CA ASP A 286 6.67 26.38 13.30
C ASP A 286 6.28 26.29 14.78
N THR A 287 7.25 26.09 15.66
CA THR A 287 6.94 26.10 17.10
C THR A 287 7.52 27.36 17.73
N ILE A 288 6.63 28.21 18.25
CA ILE A 288 7.04 29.42 19.01
C ILE A 288 7.42 28.98 20.41
N CYS A 289 8.65 29.31 20.82
CA CYS A 289 9.21 28.78 22.08
C CYS A 289 9.77 29.90 22.96
N ASP A 290 9.65 29.68 24.26
CA ASP A 290 10.35 30.48 25.27
C ASP A 290 11.83 30.34 24.94
N PRO A 291 12.59 31.45 24.82
CA PRO A 291 13.97 31.37 24.32
C PRO A 291 14.93 30.40 25.04
N GLN A 292 14.65 30.04 26.30
CA GLN A 292 15.50 29.11 27.13
C GLN A 292 15.29 27.65 26.72
N ASN A 293 14.07 27.30 26.32
CA ASN A 293 13.71 25.88 26.08
C ASN A 293 13.09 25.75 24.70
N VAL A 294 13.97 25.80 23.71
CA VAL A 294 13.64 25.63 22.27
C VAL A 294 13.34 24.14 22.04
N GLU A 295 12.04 23.78 21.99
CA GLU A 295 11.59 22.38 21.78
C GLU A 295 10.54 22.37 20.65
N ALA A 296 10.91 21.83 19.49
CA ALA A 296 9.99 21.72 18.34
C ALA A 296 8.97 20.60 18.59
N LEU A 297 7.70 20.87 18.31
CA LEU A 297 6.67 19.80 18.33
C LEU A 297 6.76 19.05 17.02
N PRO A 298 6.21 17.84 16.91
CA PRO A 298 6.25 17.11 15.64
C PRO A 298 5.76 17.93 14.43
N ALA A 299 6.38 17.69 13.26
CA ALA A 299 5.94 18.31 11.99
C ALA A 299 4.47 17.95 11.73
N LEU A 300 3.71 18.92 11.24
CA LEU A 300 2.28 18.75 10.86
C LEU A 300 2.16 18.52 9.36
N SER A 301 1.13 17.82 8.89
CA SER A 301 0.91 17.67 7.43
C SER A 301 0.80 19.04 6.80
N VAL A 302 1.54 19.29 5.72
CA VAL A 302 1.40 20.60 5.03
C VAL A 302 0.80 20.38 3.65
N ASP A 303 -0.06 21.32 3.22
CA ASP A 303 -0.70 21.35 1.88
C ASP A 303 0.32 21.96 0.90
N GLU A 304 1.33 21.17 0.54
CA GLU A 304 2.49 21.57 -0.28
C GLU A 304 2.03 21.85 -1.71
N PRO A 305 2.49 22.96 -2.31
CA PRO A 305 2.07 23.31 -3.67
C PRO A 305 2.83 22.40 -4.64
N THR A 306 2.15 21.39 -5.20
CA THR A 306 2.82 20.30 -5.89
C THR A 306 2.80 20.50 -7.41
N VAL A 307 1.94 21.40 -7.89
CA VAL A 307 1.84 21.64 -9.36
C VAL A 307 2.30 23.06 -9.66
N SER A 308 3.02 23.20 -10.75
CA SER A 308 3.64 24.52 -11.08
C SER A 308 3.38 24.86 -12.54
N MET A 309 3.20 26.16 -12.84
CA MET A 309 3.16 26.71 -14.22
C MET A 309 3.97 28.00 -14.29
N PHE A 310 4.51 28.30 -15.47
CA PHE A 310 5.14 29.63 -15.73
C PHE A 310 4.05 30.61 -16.15
N PHE A 311 3.94 31.71 -15.42
CA PHE A 311 3.07 32.86 -15.77
C PHE A 311 3.97 33.93 -16.42
N CYS A 312 3.91 34.07 -17.74
CA CYS A 312 4.84 34.93 -18.51
C CYS A 312 4.11 36.17 -19.06
N VAL A 313 4.85 37.26 -19.29
CA VAL A 313 4.31 38.38 -20.11
C VAL A 313 3.96 37.80 -21.50
N ASN A 314 2.80 38.19 -22.02
CA ASN A 314 2.36 37.73 -23.36
C ASN A 314 3.20 38.45 -24.42
N THR A 315 4.03 37.71 -25.15
CA THR A 315 4.96 38.31 -26.15
C THR A 315 4.43 38.11 -27.58
N SER A 316 3.16 37.71 -27.71
CA SER A 316 2.60 37.42 -29.05
C SER A 316 2.44 38.71 -29.85
N PRO A 317 2.50 38.64 -31.20
CA PRO A 317 2.25 39.82 -32.03
C PRO A 317 0.89 40.46 -31.76
N PHE A 318 0.03 39.78 -31.02
CA PHE A 318 -1.31 40.33 -30.68
C PHE A 318 -1.32 40.95 -29.27
N CYS A 319 -0.15 41.02 -28.64
CA CYS A 319 -0.02 41.45 -27.23
C CYS A 319 -0.46 42.91 -27.08
N GLY A 320 -1.28 43.18 -26.06
CA GLY A 320 -1.71 44.56 -25.72
C GLY A 320 -3.02 44.95 -26.37
N LYS A 321 -3.49 44.13 -27.33
CA LYS A 321 -4.64 44.49 -28.20
C LYS A 321 -5.98 44.17 -27.54
N GLU A 322 -5.99 43.39 -26.44
CA GLU A 322 -7.27 42.90 -25.88
C GLU A 322 -7.42 43.24 -24.38
N GLY A 323 -6.33 43.20 -23.61
CA GLY A 323 -6.46 43.50 -22.17
C GLY A 323 -5.69 44.75 -21.76
N LYS A 324 -6.13 45.41 -20.66
CA LYS A 324 -5.47 46.62 -20.09
C LYS A 324 -4.09 46.34 -19.44
N PHE A 325 -3.91 45.20 -18.79
CA PHE A 325 -2.74 44.96 -17.90
C PHE A 325 -1.85 43.87 -18.50
N VAL A 326 -0.60 44.20 -18.78
CA VAL A 326 0.22 43.30 -19.63
C VAL A 326 1.67 43.31 -19.18
N THR A 327 2.10 44.33 -18.47
CA THR A 327 3.56 44.50 -18.21
C THR A 327 4.01 43.47 -17.17
N SER A 328 5.31 43.27 -17.08
CA SER A 328 5.89 42.31 -16.13
C SER A 328 5.61 42.77 -14.69
N ARG A 329 5.59 44.08 -14.45
CA ARG A 329 5.40 44.56 -13.04
C ARG A 329 3.90 44.52 -12.71
N GLN A 330 3.04 44.85 -13.67
CA GLN A 330 1.58 44.74 -13.43
C GLN A 330 1.24 43.29 -13.04
N ILE A 331 1.87 42.32 -13.71
CA ILE A 331 1.59 40.86 -13.45
C ILE A 331 2.19 40.48 -12.08
N LEU A 332 3.44 40.87 -11.83
CA LEU A 332 4.11 40.51 -10.55
C LEU A 332 3.34 41.11 -9.37
N ASP A 333 2.92 42.37 -9.52
CA ASP A 333 2.18 43.11 -8.47
C ASP A 333 0.91 42.35 -8.16
N ARG A 334 0.23 41.85 -9.21
CA ARG A 334 -1.04 41.10 -9.05
C ARG A 334 -0.75 39.76 -8.35
N LEU A 335 0.42 39.18 -8.63
CA LEU A 335 0.74 37.84 -8.09
C LEU A 335 1.09 37.96 -6.60
N ASN A 336 2.02 38.85 -6.24
CA ASN A 336 2.35 39.13 -4.83
C ASN A 336 1.09 39.53 -4.07
N LYS A 337 0.16 40.23 -4.74
CA LYS A 337 -1.09 40.68 -4.07
C LYS A 337 -1.93 39.44 -3.73
N GLU A 338 -1.94 38.42 -4.63
CA GLU A 338 -2.68 37.15 -4.39
C GLU A 338 -2.04 36.39 -3.24
N LEU A 339 -0.71 36.30 -3.29
CA LEU A 339 0.16 35.51 -2.37
C LEU A 339 -0.22 35.74 -0.90
N VAL A 340 -0.49 37.01 -0.50
CA VAL A 340 -0.79 37.32 0.94
C VAL A 340 -2.17 36.74 1.33
N HIS A 341 -3.14 36.73 0.41
CA HIS A 341 -4.52 36.23 0.74
C HIS A 341 -4.68 34.75 0.37
N ASN A 342 -3.69 34.20 -0.30
CA ASN A 342 -3.79 32.82 -0.82
C ASN A 342 -2.56 32.07 -0.28
N VAL A 343 -2.66 31.55 0.95
CA VAL A 343 -1.44 31.16 1.74
C VAL A 343 -0.84 29.85 1.23
N ALA A 344 -1.58 29.13 0.38
CA ALA A 344 -1.09 27.82 -0.12
C ALA A 344 -0.22 28.04 -1.36
N LEU A 345 -0.51 29.13 -2.09
CA LEU A 345 0.16 29.57 -3.34
C LEU A 345 1.63 29.91 -3.10
N ARG A 346 2.42 29.85 -4.19
CA ARG A 346 3.87 30.18 -4.15
C ARG A 346 4.26 30.88 -5.45
N VAL A 347 4.85 32.08 -5.34
CA VAL A 347 5.34 32.83 -6.53
C VAL A 347 6.85 32.94 -6.40
N GLU A 348 7.58 32.63 -7.48
CA GLU A 348 9.06 32.70 -7.49
C GLU A 348 9.53 33.49 -8.73
N GLU A 349 10.64 34.22 -8.60
CA GLU A 349 11.28 34.93 -9.76
C GLU A 349 12.16 33.93 -10.50
N THR A 350 12.33 34.08 -11.82
CA THR A 350 13.21 33.19 -12.61
C THR A 350 14.35 34.01 -13.22
N GLU A 351 15.29 33.35 -13.92
CA GLU A 351 16.37 34.07 -14.66
C GLU A 351 15.73 35.02 -15.68
N ASP A 352 14.53 34.66 -16.16
CA ASP A 352 13.72 35.54 -17.04
C ASP A 352 12.89 36.47 -16.13
N ALA A 353 12.90 37.79 -16.40
CA ALA A 353 12.24 38.80 -15.54
C ALA A 353 10.79 39.01 -15.98
N ASP A 354 10.43 38.44 -17.12
CA ASP A 354 9.04 38.49 -17.65
C ASP A 354 8.38 37.09 -17.49
N ALA A 355 8.96 36.25 -16.61
CA ALA A 355 8.43 34.90 -16.30
C ALA A 355 8.49 34.66 -14.77
N PHE A 356 7.40 34.11 -14.22
CA PHE A 356 7.22 33.85 -12.78
C PHE A 356 6.66 32.45 -12.58
N ARG A 357 7.40 31.61 -11.84
CA ARG A 357 6.97 30.23 -11.53
C ARG A 357 5.93 30.29 -10.41
N VAL A 358 4.68 29.96 -10.72
CA VAL A 358 3.56 29.97 -9.74
C VAL A 358 3.21 28.51 -9.41
N SER A 359 3.23 28.14 -8.14
CA SER A 359 2.94 26.78 -7.66
C SER A 359 1.71 26.82 -6.73
N GLY A 360 0.82 25.80 -6.84
CA GLY A 360 -0.38 25.75 -5.95
C GLY A 360 -0.88 24.34 -5.68
N ARG A 361 -2.03 24.24 -5.04
CA ARG A 361 -2.55 22.93 -4.63
C ARG A 361 -3.45 22.43 -5.75
N GLY A 362 -2.85 21.78 -6.74
CA GLY A 362 -3.62 21.26 -7.91
C GLY A 362 -3.77 22.30 -9.02
N GLU A 363 -3.86 21.85 -10.27
CA GLU A 363 -3.96 22.76 -11.44
C GLU A 363 -5.18 23.70 -11.33
N LEU A 364 -6.24 23.21 -10.66
CA LEU A 364 -7.50 23.98 -10.43
C LEU A 364 -7.16 25.30 -9.73
N HIS A 365 -6.27 25.23 -8.72
CA HIS A 365 -5.80 26.39 -7.92
C HIS A 365 -5.16 27.43 -8.84
N LEU A 366 -4.30 26.98 -9.72
CA LEU A 366 -3.66 27.87 -10.72
C LEU A 366 -4.67 28.39 -11.75
N SER A 367 -5.52 27.50 -12.29
CA SER A 367 -6.53 27.90 -13.30
C SER A 367 -7.50 28.96 -12.75
N VAL A 368 -7.92 28.83 -11.50
CA VAL A 368 -8.87 29.81 -10.87
C VAL A 368 -8.19 31.17 -10.81
N LEU A 369 -6.91 31.18 -10.45
CA LEU A 369 -6.19 32.47 -10.34
C LEU A 369 -6.17 33.11 -11.73
N ILE A 370 -5.79 32.33 -12.74
CA ILE A 370 -5.69 32.89 -14.10
C ILE A 370 -7.05 33.48 -14.49
N GLU A 371 -8.14 32.77 -14.18
CA GLU A 371 -9.48 33.26 -14.59
C GLU A 371 -9.77 34.57 -13.88
N ASN A 372 -9.36 34.67 -12.62
CA ASN A 372 -9.56 35.95 -11.90
C ASN A 372 -8.81 37.07 -12.64
N MET A 373 -7.55 36.84 -13.02
CA MET A 373 -6.70 37.88 -13.67
C MET A 373 -7.23 38.23 -15.08
N ARG A 374 -7.81 37.28 -15.80
CA ARG A 374 -8.39 37.60 -17.13
C ARG A 374 -9.57 38.59 -16.99
N ARG A 375 -10.43 38.35 -16.01
CA ARG A 375 -11.66 39.15 -15.82
C ARG A 375 -11.25 40.57 -15.43
N GLU A 376 -10.13 40.69 -14.71
CA GLU A 376 -9.62 42.00 -14.21
C GLU A 376 -9.07 42.84 -15.36
N GLY A 377 -8.72 42.18 -16.47
CA GLY A 377 -8.20 42.81 -17.69
C GLY A 377 -6.75 42.42 -18.00
N PHE A 378 -6.24 41.32 -17.43
CA PHE A 378 -4.83 40.92 -17.63
C PHE A 378 -4.67 40.10 -18.91
N GLU A 379 -3.43 40.09 -19.38
CA GLU A 379 -3.01 39.35 -20.58
C GLU A 379 -1.73 38.61 -20.20
N LEU A 380 -1.69 37.31 -20.44
CA LEU A 380 -0.43 36.58 -20.15
C LEU A 380 -0.39 35.28 -20.94
N ALA A 381 0.78 34.65 -20.91
CA ALA A 381 1.07 33.32 -21.49
C ALA A 381 1.42 32.39 -20.34
N VAL A 382 0.89 31.17 -20.38
CA VAL A 382 1.15 30.17 -19.32
C VAL A 382 1.58 28.85 -19.96
N SER A 383 2.51 28.19 -19.31
CA SER A 383 3.09 26.88 -19.67
C SER A 383 2.20 25.81 -19.06
N ARG A 384 2.48 24.55 -19.35
CA ARG A 384 1.55 23.51 -18.86
C ARG A 384 1.74 23.29 -17.38
N PRO A 385 0.73 22.78 -16.65
CA PRO A 385 0.91 22.44 -15.24
C PRO A 385 1.80 21.21 -15.11
N LYS A 386 2.84 21.27 -14.26
CA LYS A 386 3.79 20.14 -14.05
C LYS A 386 4.32 20.17 -12.62
N VAL A 387 5.04 19.14 -12.22
CA VAL A 387 5.56 19.10 -10.84
C VAL A 387 6.98 19.68 -10.81
N ILE A 388 7.48 20.03 -9.63
CA ILE A 388 8.92 20.44 -9.54
C ILE A 388 9.72 19.23 -9.05
N PHE A 389 10.68 18.78 -9.84
CA PHE A 389 11.58 17.66 -9.48
C PHE A 389 12.71 18.22 -8.61
N ARG A 390 12.77 17.79 -7.35
CA ARG A 390 13.69 18.37 -6.32
C ARG A 390 14.81 17.39 -6.00
N GLU A 391 16.03 17.88 -5.95
CA GLU A 391 17.18 17.00 -5.59
C GLU A 391 17.36 17.03 -4.08
N ILE A 392 17.03 15.91 -3.41
CA ILE A 392 17.14 15.74 -1.92
C ILE A 392 17.88 14.42 -1.64
N ASP A 393 18.89 14.47 -0.74
CA ASP A 393 19.70 13.27 -0.39
C ASP A 393 20.43 12.79 -1.65
N GLY A 394 20.96 13.71 -2.46
CA GLY A 394 21.77 13.35 -3.65
C GLY A 394 20.95 12.88 -4.85
N ARG A 395 19.65 12.57 -4.69
CA ARG A 395 18.87 12.10 -5.87
C ARG A 395 17.71 13.02 -6.21
N LYS A 396 17.14 12.81 -7.40
CA LYS A 396 15.97 13.57 -7.89
C LYS A 396 14.71 12.86 -7.39
N GLN A 397 13.90 13.60 -6.64
CA GLN A 397 12.66 13.02 -6.08
C GLN A 397 11.47 13.86 -6.56
N GLU A 398 10.27 13.30 -6.51
CA GLU A 398 9.06 14.06 -6.94
C GLU A 398 8.06 13.98 -5.81
N PRO A 399 7.07 14.90 -5.74
CA PRO A 399 6.05 14.81 -4.70
C PRO A 399 5.08 13.66 -4.96
N TYR A 400 4.63 13.02 -3.87
CA TYR A 400 3.61 11.92 -3.86
C TYR A 400 2.44 12.38 -3.00
N GLU A 401 1.24 11.95 -3.36
CA GLU A 401 -0.01 12.37 -2.68
C GLU A 401 -0.73 11.15 -2.16
N ASN A 402 -1.48 11.30 -1.06
CA ASN A 402 -2.50 10.32 -0.61
C ASN A 402 -3.82 10.75 -1.22
N VAL A 403 -4.46 9.84 -1.93
CA VAL A 403 -5.66 10.22 -2.69
C VAL A 403 -6.82 9.30 -2.28
N THR A 404 -7.98 9.88 -2.03
CA THR A 404 -9.19 9.10 -1.76
C THR A 404 -10.18 9.32 -2.90
N LEU A 405 -10.74 8.24 -3.39
CA LEU A 405 -11.80 8.31 -4.42
C LEU A 405 -13.05 7.72 -3.81
N ASP A 406 -14.12 8.51 -3.74
CA ASP A 406 -15.45 8.02 -3.29
C ASP A 406 -16.36 7.96 -4.53
N VAL A 407 -16.73 6.75 -4.95
CA VAL A 407 -17.44 6.54 -6.24
C VAL A 407 -18.61 5.59 -6.07
N GLU A 408 -19.60 5.70 -6.95
CA GLU A 408 -20.66 4.64 -7.03
C GLU A 408 -19.98 3.34 -7.46
N GLU A 409 -20.40 2.20 -6.92
CA GLU A 409 -19.73 0.89 -7.21
C GLU A 409 -19.54 0.65 -8.70
N GLN A 410 -20.51 1.02 -9.54
CA GLN A 410 -20.43 0.76 -11.00
C GLN A 410 -19.21 1.45 -11.63
N HIS A 411 -18.49 2.34 -10.90
CA HIS A 411 -17.39 3.12 -11.53
C HIS A 411 -16.02 2.64 -11.02
N GLN A 412 -16.06 1.70 -10.09
CA GLN A 412 -14.86 1.10 -9.47
C GLN A 412 -13.89 0.56 -10.54
N GLY A 413 -14.36 -0.32 -11.41
CA GLY A 413 -13.54 -0.93 -12.47
C GLY A 413 -12.74 0.13 -13.25
N SER A 414 -13.43 1.10 -13.84
CA SER A 414 -12.71 2.02 -14.77
C SER A 414 -11.84 3.03 -14.00
N VAL A 415 -12.27 3.43 -12.80
CA VAL A 415 -11.48 4.37 -11.97
C VAL A 415 -10.15 3.70 -11.59
N MET A 416 -10.18 2.42 -11.30
CA MET A 416 -8.96 1.68 -10.86
C MET A 416 -8.03 1.52 -12.07
N GLN A 417 -8.58 1.17 -13.22
CA GLN A 417 -7.74 0.96 -14.42
C GLN A 417 -6.97 2.26 -14.73
N ALA A 418 -7.69 3.38 -14.68
CA ALA A 418 -7.12 4.69 -15.04
C ALA A 418 -6.05 5.11 -14.02
N LEU A 419 -6.29 4.82 -12.75
CA LEU A 419 -5.30 5.21 -11.71
C LEU A 419 -4.06 4.34 -11.83
N GLY A 420 -4.23 3.04 -12.05
CA GLY A 420 -3.09 2.18 -12.36
C GLY A 420 -2.28 2.76 -13.50
N GLU A 421 -2.96 3.18 -14.57
CA GLU A 421 -2.26 3.73 -15.76
C GLU A 421 -1.51 5.02 -15.38
N ARG A 422 -1.98 5.73 -14.34
CA ARG A 422 -1.39 7.01 -13.88
C ARG A 422 -0.36 6.72 -12.78
N LYS A 423 0.07 5.46 -12.65
CA LYS A 423 1.12 5.07 -11.69
C LYS A 423 0.57 5.12 -10.25
N GLY A 424 -0.71 4.81 -10.04
CA GLY A 424 -1.34 4.89 -8.72
C GLY A 424 -1.23 3.57 -8.00
N ASP A 425 -0.67 3.59 -6.78
CA ASP A 425 -0.53 2.40 -5.90
C ASP A 425 -1.78 2.29 -5.01
N LEU A 426 -2.56 1.21 -5.18
CA LEU A 426 -3.78 1.01 -4.38
C LEU A 426 -3.39 0.73 -2.92
N LYS A 427 -4.13 1.28 -1.95
CA LYS A 427 -3.80 1.11 -0.51
C LYS A 427 -5.00 0.60 0.28
N ASN A 428 -6.21 0.85 -0.24
CA ASN A 428 -7.38 0.37 0.48
C ASN A 428 -8.61 0.39 -0.42
N MET A 429 -9.43 -0.63 -0.26
CA MET A 429 -10.77 -0.64 -0.88
C MET A 429 -11.78 -0.87 0.24
N ASN A 430 -12.77 0.03 0.36
CA ASN A 430 -13.81 -0.09 1.40
C ASN A 430 -15.17 0.23 0.84
N PRO A 431 -15.99 -0.78 0.46
CA PRO A 431 -17.36 -0.53 0.03
C PRO A 431 -18.29 -0.30 1.25
N ASP A 432 -19.37 0.46 1.09
CA ASP A 432 -20.24 0.74 2.24
C ASP A 432 -21.48 -0.17 2.25
N GLY A 433 -21.66 -0.98 1.20
CA GLY A 433 -22.85 -1.85 1.05
C GLY A 433 -24.08 -1.05 0.71
N LYS A 434 -23.91 0.23 0.44
CA LYS A 434 -25.02 1.16 0.14
C LYS A 434 -24.76 1.86 -1.21
N GLY A 435 -23.98 1.24 -2.10
CA GLY A 435 -23.85 1.70 -3.49
C GLY A 435 -22.62 2.54 -3.78
N ARG A 436 -21.69 2.63 -2.83
CA ARG A 436 -20.47 3.48 -3.01
C ARG A 436 -19.25 2.75 -2.47
N VAL A 437 -18.08 3.09 -2.99
CA VAL A 437 -16.80 2.50 -2.51
C VAL A 437 -15.79 3.61 -2.35
N ARG A 438 -14.89 3.43 -1.36
CA ARG A 438 -13.79 4.36 -1.10
C ARG A 438 -12.49 3.64 -1.46
N LEU A 439 -11.68 4.28 -2.30
CA LEU A 439 -10.39 3.74 -2.79
C LEU A 439 -9.29 4.71 -2.35
N ASP A 440 -8.32 4.22 -1.62
CA ASP A 440 -7.20 5.06 -1.16
C ASP A 440 -6.00 4.70 -2.00
N TYR A 441 -5.33 5.71 -2.54
CA TYR A 441 -4.15 5.49 -3.38
C TYR A 441 -3.01 6.37 -2.91
N VAL A 442 -1.79 5.92 -3.22
CA VAL A 442 -0.57 6.76 -3.14
C VAL A 442 -0.13 6.90 -4.59
N ILE A 443 -0.03 8.13 -5.04
CA ILE A 443 0.31 8.44 -6.45
C ILE A 443 1.20 9.65 -6.44
N PRO A 444 2.21 9.74 -7.34
CA PRO A 444 2.99 10.95 -7.48
C PRO A 444 2.02 12.03 -7.89
N SER A 445 2.26 13.26 -7.43
CA SER A 445 1.39 14.39 -7.81
C SER A 445 1.31 14.46 -9.34
N ARG A 446 2.42 14.13 -10.01
CA ARG A 446 2.56 14.26 -11.48
C ARG A 446 1.55 13.37 -12.21
N GLY A 447 1.15 12.27 -11.58
CA GLY A 447 0.19 11.37 -12.24
C GLY A 447 -1.24 11.80 -12.00
N LEU A 448 -1.44 12.77 -11.10
CA LEU A 448 -2.78 13.26 -10.71
C LEU A 448 -3.20 14.45 -11.60
N ILE A 449 -2.21 15.12 -12.19
CA ILE A 449 -2.43 16.29 -13.08
C ILE A 449 -3.26 15.83 -14.27
N GLY A 450 -4.43 16.44 -14.45
CA GLY A 450 -5.33 16.10 -15.56
C GLY A 450 -6.37 15.07 -15.15
N PHE A 451 -6.24 14.48 -13.99
CA PHE A 451 -7.11 13.34 -13.66
C PHE A 451 -8.50 13.78 -13.17
N ARG A 452 -8.57 14.94 -12.53
CA ARG A 452 -9.84 15.31 -11.87
C ARG A 452 -10.92 15.47 -12.93
N SER A 453 -10.52 15.89 -14.12
CA SER A 453 -11.42 16.17 -15.27
C SER A 453 -11.91 14.86 -15.92
N GLU A 454 -10.97 13.94 -16.14
CA GLU A 454 -11.25 12.58 -16.65
C GLU A 454 -12.10 11.85 -15.58
N PHE A 455 -11.81 12.08 -14.31
CA PHE A 455 -12.54 11.42 -13.21
C PHE A 455 -14.02 11.84 -13.25
N MET A 456 -14.32 13.14 -13.44
CA MET A 456 -15.72 13.63 -13.47
C MET A 456 -16.46 13.00 -14.64
N THR A 457 -15.88 13.01 -15.82
CA THR A 457 -16.48 12.39 -17.04
C THR A 457 -16.73 10.87 -16.81
N MET A 458 -15.75 10.15 -16.32
CA MET A 458 -15.84 8.68 -16.15
C MET A 458 -16.94 8.34 -15.11
N THR A 459 -17.06 9.12 -14.03
CA THR A 459 -18.06 8.87 -12.96
C THR A 459 -19.34 9.68 -13.22
N SER A 460 -19.43 10.39 -14.35
CA SER A 460 -20.64 11.20 -14.72
C SER A 460 -20.92 12.25 -13.63
N GLY A 461 -19.88 12.88 -13.08
CA GLY A 461 -20.07 13.90 -12.03
C GLY A 461 -20.52 13.33 -10.67
N THR A 462 -20.49 12.01 -10.47
CA THR A 462 -21.01 11.37 -9.23
C THR A 462 -19.86 11.10 -8.27
N GLY A 463 -18.63 11.22 -8.73
CA GLY A 463 -17.52 10.84 -7.84
C GLY A 463 -17.01 12.03 -7.07
N LEU A 464 -16.31 11.73 -5.99
CA LEU A 464 -15.62 12.69 -5.13
C LEU A 464 -14.16 12.25 -5.10
N LEU A 465 -13.22 13.19 -5.18
CA LEU A 465 -11.76 12.94 -5.20
C LEU A 465 -11.11 13.83 -4.15
N TYR A 466 -10.30 13.26 -3.29
CA TYR A 466 -9.60 14.01 -2.25
C TYR A 466 -8.12 13.79 -2.44
N SER A 467 -7.34 14.69 -1.87
CA SER A 467 -5.87 14.76 -1.98
C SER A 467 -5.29 15.30 -0.66
N THR A 468 -4.23 14.67 -0.14
CA THR A 468 -3.45 15.11 1.05
C THR A 468 -1.98 14.88 0.74
N PHE A 469 -1.15 15.93 0.75
CA PHE A 469 0.29 15.77 0.40
C PHE A 469 0.93 14.80 1.40
N SER A 470 1.74 13.87 0.87
CA SER A 470 2.37 12.80 1.68
C SER A 470 3.88 13.03 1.80
N HIS A 471 4.61 12.85 0.68
CA HIS A 471 6.09 12.88 0.78
C HIS A 471 6.73 13.00 -0.62
N TYR A 472 8.03 13.26 -0.62
CA TYR A 472 8.92 13.15 -1.81
C TYR A 472 9.56 11.76 -1.80
N ASP A 473 9.76 11.18 -2.98
CA ASP A 473 10.31 9.80 -3.10
C ASP A 473 10.95 9.67 -4.48
N ASP A 474 11.65 8.56 -4.74
CA ASP A 474 12.33 8.37 -6.05
C ASP A 474 11.33 8.56 -7.18
N ILE A 475 11.81 9.08 -8.31
CA ILE A 475 10.98 9.32 -9.52
C ILE A 475 10.41 7.97 -10.00
N ARG A 476 9.10 7.87 -10.14
CA ARG A 476 8.51 6.62 -10.69
C ARG A 476 8.64 6.68 -12.21
N PRO A 477 9.17 5.62 -12.87
CA PRO A 477 9.51 5.72 -14.28
C PRO A 477 8.34 5.82 -15.27
N GLY A 478 8.59 6.52 -16.38
CA GLY A 478 7.59 6.64 -17.47
C GLY A 478 6.81 7.95 -17.38
N GLU A 479 6.46 8.52 -18.55
CA GLU A 479 5.71 9.80 -18.66
C GLU A 479 4.20 9.55 -18.48
N VAL A 480 3.45 10.60 -18.06
CA VAL A 480 1.97 10.48 -17.84
C VAL A 480 1.23 11.42 -18.79
N GLY A 481 0.09 10.92 -19.31
CA GLY A 481 -0.81 11.65 -20.23
C GLY A 481 -0.11 12.15 -21.47
N GLN A 482 0.76 11.34 -22.12
CA GLN A 482 1.39 11.73 -23.41
C GLN A 482 0.30 12.01 -24.47
N ARG A 483 0.21 13.26 -24.94
CA ARG A 483 -0.78 13.59 -26.00
C ARG A 483 -0.41 12.79 -27.27
N GLN A 484 -1.39 12.10 -27.86
CA GLN A 484 -1.10 11.24 -29.04
C GLN A 484 -1.16 12.06 -30.33
N ASN A 485 -1.91 13.16 -30.33
CA ASN A 485 -2.10 13.91 -31.60
C ASN A 485 -1.14 15.10 -31.69
N GLY A 486 -0.62 15.34 -32.89
CA GLY A 486 0.18 16.53 -33.19
C GLY A 486 -0.71 17.73 -33.48
N VAL A 487 -0.11 18.90 -33.71
CA VAL A 487 -0.91 20.13 -33.91
C VAL A 487 -0.67 20.71 -35.29
N LEU A 488 -1.56 21.58 -35.70
CA LEU A 488 -1.51 22.35 -36.96
C LEU A 488 -1.12 23.77 -36.59
N ILE A 489 -0.01 24.24 -37.15
CA ILE A 489 0.59 25.53 -36.75
C ILE A 489 0.60 26.46 -37.93
N SER A 490 0.07 27.67 -37.74
CA SER A 490 0.07 28.68 -38.84
C SER A 490 1.50 29.13 -39.10
N ASN A 491 1.83 29.27 -40.38
CA ASN A 491 3.14 29.72 -40.89
C ASN A 491 3.09 31.17 -41.33
N GLY A 492 2.03 31.89 -40.99
CA GLY A 492 1.90 33.28 -41.39
C GLY A 492 1.04 34.04 -40.42
N GLN A 493 1.02 35.36 -40.56
CA GLN A 493 0.16 36.22 -39.75
C GLN A 493 -0.87 36.87 -40.66
N GLY A 494 -2.13 36.92 -40.22
CA GLY A 494 -3.18 37.57 -41.02
C GLY A 494 -4.52 36.92 -40.79
N LYS A 495 -5.43 37.11 -41.71
CA LYS A 495 -6.82 36.62 -41.63
C LYS A 495 -6.91 35.18 -42.19
N ALA A 496 -7.41 34.24 -41.40
CA ALA A 496 -7.60 32.86 -41.88
C ALA A 496 -8.74 32.81 -42.87
N VAL A 497 -8.62 32.00 -43.91
CA VAL A 497 -9.65 31.99 -44.98
C VAL A 497 -10.30 30.60 -45.10
N ALA A 498 -11.60 30.64 -45.45
CA ALA A 498 -12.55 29.49 -45.56
C ALA A 498 -11.98 28.40 -46.45
N PHE A 499 -11.50 28.77 -47.63
CA PHE A 499 -11.06 27.76 -48.62
C PHE A 499 -9.89 26.96 -48.07
N ALA A 500 -9.00 27.62 -47.32
CA ALA A 500 -7.80 26.94 -46.78
C ALA A 500 -8.20 26.11 -45.54
N LEU A 501 -9.05 26.66 -44.64
CA LEU A 501 -9.60 25.90 -43.50
C LEU A 501 -10.42 24.71 -44.01
N PHE A 502 -11.05 24.83 -45.19
CA PHE A 502 -11.88 23.72 -45.70
C PHE A 502 -10.97 22.52 -46.03
N GLY A 503 -9.80 22.79 -46.62
CA GLY A 503 -8.78 21.76 -46.93
C GLY A 503 -8.14 21.18 -45.66
N LEU A 504 -7.83 22.03 -44.67
CA LEU A 504 -7.14 21.55 -43.43
C LEU A 504 -8.11 20.75 -42.53
N GLN A 505 -9.40 21.10 -42.51
CA GLN A 505 -10.33 20.36 -41.62
C GLN A 505 -10.40 18.89 -42.10
N ASP A 506 -9.93 18.62 -43.32
CA ASP A 506 -9.84 17.23 -43.84
C ASP A 506 -8.65 16.47 -43.17
N ARG A 507 -7.69 17.21 -42.57
CA ARG A 507 -6.40 16.70 -42.01
C ARG A 507 -6.43 16.72 -40.46
N GLY A 508 -7.46 17.31 -39.86
CA GLY A 508 -7.53 17.42 -38.41
C GLY A 508 -8.67 18.30 -38.00
N LYS A 509 -8.86 18.55 -36.70
CA LYS A 509 -9.97 19.40 -36.21
C LYS A 509 -9.46 20.81 -35.94
N LEU A 510 -10.26 21.85 -36.23
CA LEU A 510 -9.81 23.27 -36.16
C LEU A 510 -10.31 23.97 -34.89
N PHE A 511 -9.52 24.99 -34.43
CA PHE A 511 -9.80 25.84 -33.23
C PHE A 511 -10.40 27.18 -33.62
N LEU A 512 -10.61 27.40 -34.90
CA LEU A 512 -11.12 28.71 -35.38
C LEU A 512 -11.63 28.55 -36.79
N GLY A 513 -12.46 29.52 -37.24
CA GLY A 513 -13.11 29.56 -38.56
C GLY A 513 -12.66 30.75 -39.40
N HIS A 514 -13.37 30.97 -40.51
CA HIS A 514 -13.08 32.09 -41.43
C HIS A 514 -13.04 33.43 -40.68
N GLY A 515 -12.10 34.32 -41.06
CA GLY A 515 -11.99 35.67 -40.49
C GLY A 515 -11.17 35.76 -39.20
N ALA A 516 -10.82 34.65 -38.55
CA ALA A 516 -9.96 34.78 -37.33
C ALA A 516 -8.60 35.35 -37.74
N GLU A 517 -8.09 36.30 -36.97
CA GLU A 517 -6.70 36.80 -37.15
C GLU A 517 -5.75 35.79 -36.51
N VAL A 518 -4.76 35.29 -37.26
CA VAL A 518 -3.79 34.31 -36.68
C VAL A 518 -2.40 34.91 -36.82
N TYR A 519 -1.42 34.37 -36.09
CA TYR A 519 -0.02 34.82 -36.23
C TYR A 519 0.87 33.61 -36.44
N GLU A 520 2.05 33.82 -36.99
CA GLU A 520 2.96 32.66 -37.24
C GLU A 520 3.29 31.93 -35.89
N GLY A 521 3.11 30.61 -35.85
CA GLY A 521 3.41 29.81 -34.64
C GLY A 521 2.19 29.62 -33.77
N GLN A 522 1.10 30.33 -34.07
CA GLN A 522 -0.20 30.08 -33.37
C GLN A 522 -0.67 28.70 -33.78
N ILE A 523 -1.10 27.89 -32.82
CA ILE A 523 -1.71 26.57 -33.08
C ILE A 523 -3.18 26.79 -33.45
N ILE A 524 -3.62 26.20 -34.54
CA ILE A 524 -4.98 26.49 -35.06
C ILE A 524 -5.77 25.20 -35.16
N GLY A 525 -5.15 24.06 -34.88
CA GLY A 525 -5.94 22.81 -34.86
C GLY A 525 -5.15 21.63 -34.34
N ILE A 526 -5.84 20.50 -34.22
CA ILE A 526 -5.26 19.20 -33.79
C ILE A 526 -5.09 18.34 -35.03
N HIS A 527 -3.89 17.84 -35.24
CA HIS A 527 -3.61 16.99 -36.41
C HIS A 527 -4.14 15.59 -36.13
N SER A 528 -4.69 14.93 -37.15
CA SER A 528 -5.18 13.54 -37.03
C SER A 528 -4.02 12.58 -36.75
N ARG A 529 -2.81 12.91 -37.22
CA ARG A 529 -1.58 12.08 -37.01
C ARG A 529 -0.77 12.63 -35.83
N SER A 530 0.21 11.83 -35.36
CA SER A 530 1.03 12.14 -34.16
C SER A 530 2.01 13.31 -34.44
N ASN A 531 2.32 13.60 -35.70
CA ASN A 531 3.32 14.65 -36.01
C ASN A 531 2.65 16.03 -36.16
N ASP A 532 3.40 17.10 -35.89
CA ASP A 532 2.99 18.51 -36.13
C ASP A 532 3.16 18.89 -37.62
N LEU A 533 2.29 19.77 -38.12
CA LEU A 533 2.38 20.29 -39.50
C LEU A 533 2.40 21.81 -39.41
N THR A 534 3.24 22.44 -40.22
CA THR A 534 3.21 23.90 -40.38
C THR A 534 2.38 24.16 -41.59
N VAL A 535 1.21 24.76 -41.41
CA VAL A 535 0.25 24.87 -42.54
C VAL A 535 0.04 26.33 -42.87
N ASN A 536 -0.53 26.56 -44.03
CA ASN A 536 -0.93 27.88 -44.56
C ASN A 536 -2.45 27.99 -44.41
N CYS A 537 -2.95 28.99 -43.71
CA CYS A 537 -4.43 29.15 -43.56
C CYS A 537 -4.85 30.51 -44.08
N LEU A 538 -3.99 31.14 -44.87
CA LEU A 538 -4.19 32.55 -45.28
C LEU A 538 -4.64 32.59 -46.73
N THR A 539 -4.15 31.65 -47.53
CA THR A 539 -4.47 31.63 -48.97
C THR A 539 -4.91 30.23 -49.37
N GLY A 540 -5.85 30.18 -50.30
CA GLY A 540 -6.44 28.92 -50.80
C GLY A 540 -5.55 28.22 -51.82
N LYS A 541 -5.45 26.88 -51.69
CA LYS A 541 -4.54 26.04 -52.53
C LYS A 541 -4.82 26.31 -54.02
N SER A 549 -11.57 17.22 -63.54
CA SER A 549 -12.88 16.81 -64.10
C SER A 549 -14.01 17.24 -63.14
N GLY A 550 -14.00 16.69 -61.91
CA GLY A 550 -14.98 17.02 -60.84
C GLY A 550 -14.34 17.79 -59.70
N THR A 551 -15.07 18.06 -58.61
CA THR A 551 -14.51 18.84 -57.45
C THR A 551 -15.25 18.46 -56.14
N ASP A 552 -15.34 19.39 -55.20
CA ASP A 552 -15.90 19.16 -53.83
C ASP A 552 -17.07 20.10 -53.49
N GLU A 553 -17.88 20.52 -54.49
CA GLU A 553 -19.11 21.33 -54.22
C GLU A 553 -18.88 22.41 -53.11
N ALA A 554 -19.44 22.24 -51.89
CA ALA A 554 -19.68 23.42 -51.03
C ALA A 554 -18.62 23.62 -49.94
N VAL A 555 -18.13 24.86 -49.80
CA VAL A 555 -17.04 25.22 -48.85
C VAL A 555 -17.69 25.58 -47.51
N ILE A 556 -17.88 24.59 -46.66
CA ILE A 556 -18.61 24.69 -45.36
C ILE A 556 -17.71 24.09 -44.28
N LEU A 557 -17.49 24.87 -43.24
CA LEU A 557 -16.59 24.43 -42.16
C LEU A 557 -17.40 23.84 -41.01
N VAL A 558 -16.92 22.72 -40.46
CA VAL A 558 -17.52 22.20 -39.21
C VAL A 558 -17.21 23.20 -38.11
N PRO A 559 -18.15 23.50 -37.19
CA PRO A 559 -17.88 24.45 -36.12
C PRO A 559 -16.55 24.20 -35.41
N PRO A 560 -15.77 25.26 -35.16
CA PRO A 560 -14.52 25.14 -34.43
C PRO A 560 -14.63 24.57 -33.02
N ILE A 561 -13.56 23.91 -32.57
CA ILE A 561 -13.43 23.49 -31.15
C ILE A 561 -13.05 24.76 -30.37
N LYS A 562 -13.92 25.20 -29.46
CA LYS A 562 -13.59 26.37 -28.62
C LYS A 562 -13.32 25.85 -27.19
N MET A 563 -12.05 25.78 -26.81
CA MET A 563 -11.56 25.18 -25.54
C MET A 563 -11.74 26.13 -24.33
N SER A 564 -12.06 25.57 -23.19
CA SER A 564 -12.02 26.37 -21.96
C SER A 564 -10.55 26.59 -21.55
N LEU A 565 -10.30 27.43 -20.55
CA LEU A 565 -8.90 27.64 -20.07
C LEU A 565 -8.31 26.30 -19.61
N GLU A 566 -9.11 25.57 -18.82
CA GLU A 566 -8.79 24.22 -18.24
C GLU A 566 -8.38 23.23 -19.36
N GLN A 567 -9.11 23.25 -20.47
CA GLN A 567 -8.88 22.33 -21.61
C GLN A 567 -7.61 22.77 -22.32
N ALA A 568 -7.46 24.08 -22.52
CA ALA A 568 -6.21 24.54 -23.17
C ALA A 568 -5.03 24.08 -22.35
N LEU A 569 -5.15 24.14 -21.03
CA LEU A 569 -3.96 23.81 -20.20
C LEU A 569 -3.70 22.32 -20.19
N GLU A 570 -4.75 21.51 -20.38
CA GLU A 570 -4.56 20.03 -20.31
C GLU A 570 -4.18 19.56 -21.71
N PHE A 571 -4.44 20.41 -22.68
CA PHE A 571 -4.09 20.08 -24.09
C PHE A 571 -2.60 20.33 -24.38
N ILE A 572 -2.03 21.41 -23.84
CA ILE A 572 -0.67 21.87 -24.31
C ILE A 572 0.48 20.95 -23.85
N ASP A 573 1.50 20.86 -24.69
CA ASP A 573 2.76 20.10 -24.44
C ASP A 573 3.84 21.04 -23.92
N ASP A 574 5.05 20.52 -23.68
CA ASP A 574 6.18 21.30 -23.10
C ASP A 574 6.68 22.41 -24.05
N ASP A 575 6.52 22.26 -25.36
CA ASP A 575 7.04 23.28 -26.32
C ASP A 575 5.93 24.25 -26.71
N GLU A 576 4.89 24.39 -25.87
CA GLU A 576 3.72 25.22 -26.25
C GLU A 576 3.32 26.10 -25.08
N LEU A 577 2.48 27.08 -25.35
CA LEU A 577 1.96 27.99 -24.31
C LEU A 577 0.50 28.23 -24.58
N VAL A 578 -0.22 28.61 -23.55
CA VAL A 578 -1.61 29.09 -23.68
C VAL A 578 -1.53 30.60 -23.51
N GLU A 579 -1.89 31.32 -24.56
CA GLU A 579 -1.93 32.78 -24.54
C GLU A 579 -3.31 33.13 -24.02
N VAL A 580 -3.36 33.94 -22.98
CA VAL A 580 -4.64 34.25 -22.30
C VAL A 580 -4.91 35.77 -22.32
N THR A 581 -6.14 36.17 -22.70
CA THR A 581 -6.62 37.57 -22.54
C THR A 581 -8.01 37.54 -21.91
N PRO A 582 -8.63 38.70 -21.60
CA PRO A 582 -10.00 38.73 -21.07
C PRO A 582 -11.08 38.20 -22.02
N THR A 583 -10.83 38.29 -23.33
CA THR A 583 -11.81 37.95 -24.37
C THR A 583 -11.34 36.71 -25.16
N SER A 584 -10.08 36.27 -25.01
CA SER A 584 -9.57 35.22 -25.94
C SER A 584 -8.72 34.13 -25.26
N ILE A 585 -8.77 32.93 -25.83
CA ILE A 585 -7.81 31.85 -25.48
C ILE A 585 -7.09 31.40 -26.78
N ARG A 586 -5.79 31.65 -26.86
CA ARG A 586 -4.98 31.19 -28.01
C ARG A 586 -3.93 30.18 -27.53
N ILE A 587 -3.61 29.24 -28.40
CA ILE A 587 -2.57 28.18 -28.19
C ILE A 587 -1.40 28.52 -29.12
N ARG A 588 -0.17 28.31 -28.67
CA ARG A 588 0.97 28.73 -29.52
C ARG A 588 2.20 27.89 -29.21
N LYS A 589 3.10 27.78 -30.17
CA LYS A 589 4.45 27.19 -29.94
C LYS A 589 5.30 28.21 -29.17
N ARG A 590 6.22 27.72 -28.32
CA ARG A 590 7.22 28.63 -27.66
C ARG A 590 8.03 29.28 -28.77
N HIS A 591 8.45 28.47 -29.75
CA HIS A 591 9.24 28.96 -30.92
C HIS A 591 8.28 29.18 -32.09
N LEU A 592 8.00 30.45 -32.38
CA LEU A 592 6.94 30.87 -33.30
C LEU A 592 7.24 30.52 -34.76
N THR A 593 8.50 30.33 -35.14
CA THR A 593 8.84 30.02 -36.55
C THR A 593 9.25 28.55 -36.66
N GLU A 594 8.93 27.94 -37.79
CA GLU A 594 9.31 26.55 -38.09
C GLU A 594 10.83 26.39 -38.00
N ASN A 595 11.58 27.42 -38.39
CA ASN A 595 13.07 27.32 -38.38
C ASN A 595 13.57 27.20 -36.93
N ASP A 596 12.97 27.98 -36.04
CA ASP A 596 13.32 27.98 -34.59
C ASP A 596 12.97 26.61 -33.97
N ARG A 597 11.82 26.02 -34.34
CA ARG A 597 11.38 24.70 -33.80
C ARG A 597 12.33 23.60 -34.30
N ARG A 598 12.82 23.74 -35.54
CA ARG A 598 13.80 22.76 -36.07
C ARG A 598 15.13 22.83 -35.30
N ARG A 599 15.55 24.01 -34.83
CA ARG A 599 16.87 24.19 -34.14
C ARG A 599 16.79 23.78 -32.66
N ALA A 600 15.66 23.20 -32.24
CA ALA A 600 15.53 22.61 -30.88
C ALA A 600 15.34 21.09 -31.02
N ASN A 601 14.39 20.67 -31.89
CA ASN A 601 14.06 19.23 -32.16
C ASN A 601 13.36 18.65 -30.93
N ILE B 2 33.11 -17.22 -20.91
CA ILE B 2 32.29 -16.11 -20.26
C ILE B 2 31.17 -15.69 -21.22
N GLU B 3 31.53 -15.18 -22.41
CA GLU B 3 30.51 -14.71 -23.40
C GLU B 3 29.70 -15.89 -23.94
N ASN B 4 30.15 -17.12 -23.66
CA ASN B 4 29.44 -18.34 -24.15
C ASN B 4 28.61 -18.95 -23.02
N LEU B 5 28.50 -18.27 -21.90
CA LEU B 5 27.68 -18.77 -20.76
C LEU B 5 26.24 -18.25 -20.90
N ARG B 6 25.27 -19.10 -20.58
CA ARG B 6 23.83 -18.73 -20.59
C ARG B 6 23.19 -19.24 -19.29
N ASN B 7 22.78 -18.31 -18.42
CA ASN B 7 22.19 -18.63 -17.11
C ASN B 7 20.70 -18.38 -17.19
N ILE B 8 19.89 -19.43 -17.25
CA ILE B 8 18.42 -19.22 -17.40
C ILE B 8 17.69 -19.95 -16.28
N ALA B 9 16.61 -19.37 -15.77
CA ALA B 9 15.73 -20.05 -14.80
C ALA B 9 14.60 -20.75 -15.56
N ILE B 10 14.01 -21.81 -15.03
CA ILE B 10 12.88 -22.46 -15.74
C ILE B 10 11.61 -22.45 -14.86
N ILE B 11 10.47 -22.21 -15.49
CA ILE B 11 9.11 -22.21 -14.88
C ILE B 11 8.20 -23.15 -15.69
N ALA B 12 7.50 -24.04 -14.99
CA ALA B 12 6.50 -24.92 -15.64
C ALA B 12 5.50 -25.44 -14.58
N HIS B 13 4.19 -25.47 -14.94
CA HIS B 13 3.17 -26.16 -14.10
C HIS B 13 3.73 -27.53 -13.86
N VAL B 14 3.44 -28.13 -12.69
CA VAL B 14 4.07 -29.42 -12.30
C VAL B 14 3.84 -30.52 -13.38
N ASP B 15 2.74 -30.51 -14.13
CA ASP B 15 2.46 -31.64 -15.09
C ASP B 15 2.87 -31.27 -16.53
N HIS B 16 3.64 -30.20 -16.70
CA HIS B 16 3.98 -29.73 -18.07
C HIS B 16 5.36 -30.23 -18.53
N GLY B 17 5.96 -31.22 -17.84
CA GLY B 17 7.17 -31.94 -18.33
C GLY B 17 8.41 -31.06 -18.45
N LYS B 18 8.75 -30.32 -17.40
CA LYS B 18 10.04 -29.58 -17.44
C LYS B 18 11.21 -30.56 -17.36
N THR B 19 11.08 -31.60 -16.55
CA THR B 19 12.05 -32.68 -16.29
C THR B 19 12.36 -33.41 -17.62
N THR B 20 11.31 -33.81 -18.33
CA THR B 20 11.37 -34.50 -19.62
C THR B 20 12.07 -33.62 -20.64
N LEU B 21 11.86 -32.32 -20.58
CA LEU B 21 12.48 -31.40 -21.55
C LEU B 21 13.96 -31.20 -21.20
N VAL B 22 14.25 -30.98 -19.94
CA VAL B 22 15.66 -30.79 -19.53
C VAL B 22 16.43 -32.10 -19.78
N ASP B 23 15.76 -33.24 -19.64
CA ASP B 23 16.35 -34.55 -19.96
C ASP B 23 16.68 -34.63 -21.45
N LYS B 24 15.79 -34.14 -22.33
CA LYS B 24 16.03 -34.30 -23.78
C LYS B 24 17.12 -33.35 -24.19
N LEU B 25 17.10 -32.16 -23.64
CA LEU B 25 18.14 -31.15 -23.91
C LEU B 25 19.49 -31.68 -23.44
N LEU B 26 19.52 -32.36 -22.31
CA LEU B 26 20.83 -32.88 -21.83
C LEU B 26 21.32 -34.06 -22.73
N GLN B 27 20.41 -34.94 -23.16
CA GLN B 27 20.76 -36.14 -23.96
C GLN B 27 21.29 -35.75 -25.35
N GLN B 28 20.57 -34.86 -26.06
CA GLN B 28 20.97 -34.53 -27.45
C GLN B 28 22.26 -33.71 -27.47
N SER B 29 22.61 -33.02 -26.36
CA SER B 29 23.83 -32.16 -26.30
C SER B 29 25.07 -33.04 -26.13
N GLY B 30 24.86 -34.33 -25.86
CA GLY B 30 25.98 -35.27 -25.64
C GLY B 30 26.77 -35.00 -24.36
N THR B 31 26.23 -34.19 -23.44
CA THR B 31 26.89 -33.96 -22.13
C THR B 31 26.96 -35.29 -21.35
N PHE B 32 28.11 -35.65 -20.78
CA PHE B 32 28.24 -36.90 -19.99
C PHE B 32 27.05 -37.02 -19.03
N ASP B 33 26.41 -38.20 -19.01
CA ASP B 33 25.20 -38.46 -18.18
C ASP B 33 25.59 -39.41 -17.03
N ALA B 34 25.75 -38.85 -15.82
CA ALA B 34 26.20 -39.62 -14.63
C ALA B 34 24.97 -40.19 -13.89
N ARG B 35 23.98 -40.71 -14.63
CA ARG B 35 22.73 -41.31 -14.06
C ARG B 35 22.51 -42.70 -14.70
N ALA B 36 21.27 -43.20 -14.65
CA ALA B 36 20.96 -44.53 -15.21
C ALA B 36 19.58 -44.54 -15.94
N GLU B 37 19.03 -43.37 -16.29
CA GLU B 37 17.73 -43.27 -17.05
C GLU B 37 18.03 -42.99 -18.53
N THR B 38 17.38 -43.72 -19.47
CA THR B 38 17.54 -43.38 -20.93
C THR B 38 16.18 -43.03 -21.55
N GLN B 39 15.17 -43.92 -21.42
CA GLN B 39 13.81 -43.63 -21.96
C GLN B 39 12.76 -44.02 -20.91
N GLU B 40 12.27 -43.01 -20.19
CA GLU B 40 11.27 -43.16 -19.11
C GLU B 40 9.86 -43.14 -19.75
N ARG B 41 8.84 -43.53 -19.00
CA ARG B 41 7.42 -43.55 -19.49
C ARG B 41 6.56 -42.77 -18.51
N ILE B 54 13.59 -40.04 -9.06
CA ILE B 54 12.95 -38.71 -8.83
C ILE B 54 12.48 -38.17 -10.19
N THR B 55 11.28 -37.57 -10.22
CA THR B 55 10.68 -36.94 -11.42
C THR B 55 10.71 -35.40 -11.24
N ILE B 56 11.75 -34.86 -10.56
CA ILE B 56 11.92 -33.38 -10.44
C ILE B 56 13.37 -33.02 -10.77
N LEU B 57 13.63 -31.74 -11.03
CA LEU B 57 14.93 -31.25 -11.57
C LEU B 57 15.95 -31.17 -10.46
N ALA B 58 17.21 -31.09 -10.88
CA ALA B 58 18.29 -30.63 -10.00
C ALA B 58 18.13 -29.11 -9.85
N LYS B 59 18.61 -28.57 -8.74
CA LYS B 59 18.65 -27.10 -8.49
C LYS B 59 19.31 -26.40 -9.69
N ASN B 60 20.35 -27.02 -10.24
CA ASN B 60 21.02 -26.51 -11.44
C ASN B 60 21.42 -27.67 -12.36
N THR B 61 21.05 -27.56 -13.63
CA THR B 61 21.43 -28.49 -14.70
C THR B 61 22.33 -27.72 -15.66
N ALA B 62 23.56 -28.19 -15.86
CA ALA B 62 24.49 -27.50 -16.79
C ALA B 62 24.61 -28.30 -18.09
N ILE B 63 24.22 -27.71 -19.21
CA ILE B 63 24.30 -28.36 -20.55
C ILE B 63 25.45 -27.76 -21.36
N LYS B 64 26.25 -28.61 -21.98
CA LYS B 64 27.31 -28.14 -22.92
C LYS B 64 26.82 -28.38 -24.35
N TRP B 65 26.54 -27.28 -25.07
CA TRP B 65 26.06 -27.37 -26.48
C TRP B 65 27.01 -26.61 -27.41
N ASN B 66 27.71 -27.34 -28.28
CA ASN B 66 28.74 -26.75 -29.14
C ASN B 66 29.70 -25.98 -28.25
N ASP B 67 29.85 -24.67 -28.49
CA ASP B 67 30.85 -23.90 -27.71
C ASP B 67 30.14 -23.12 -26.61
N TYR B 68 28.92 -23.55 -26.24
CA TYR B 68 28.08 -22.79 -25.26
C TYR B 68 27.83 -23.63 -24.01
N ARG B 69 27.71 -22.95 -22.85
CA ARG B 69 27.33 -23.60 -21.56
C ARG B 69 26.02 -22.99 -21.05
N ILE B 70 24.99 -23.81 -20.92
CA ILE B 70 23.68 -23.32 -20.47
C ILE B 70 23.41 -23.87 -19.06
N ASN B 71 23.29 -22.97 -18.09
CA ASN B 71 22.88 -23.35 -16.71
C ASN B 71 21.37 -23.21 -16.58
N ILE B 72 20.68 -24.31 -16.35
CA ILE B 72 19.21 -24.25 -16.15
C ILE B 72 18.91 -24.35 -14.66
N VAL B 73 18.53 -23.22 -14.08
CA VAL B 73 18.28 -23.15 -12.62
C VAL B 73 16.79 -23.41 -12.44
N ASP B 74 16.45 -24.35 -11.56
CA ASP B 74 15.05 -24.64 -11.22
C ASP B 74 14.50 -23.51 -10.35
N THR B 75 13.24 -23.14 -10.61
CA THR B 75 12.48 -22.12 -9.83
C THR B 75 11.74 -22.78 -8.68
N PRO B 76 12.00 -22.40 -7.42
CA PRO B 76 11.37 -23.05 -6.26
C PRO B 76 9.86 -23.08 -6.42
N GLY B 77 9.24 -24.21 -6.05
CA GLY B 77 7.76 -24.39 -6.08
C GLY B 77 7.14 -24.28 -4.69
N HIS B 78 7.88 -23.92 -3.65
CA HIS B 78 7.22 -23.72 -2.34
C HIS B 78 6.55 -22.31 -2.26
N ALA B 79 5.25 -22.29 -1.94
CA ALA B 79 4.40 -21.07 -1.92
C ALA B 79 4.84 -20.08 -0.81
N ASP B 80 5.46 -20.54 0.28
CA ASP B 80 5.84 -19.63 1.38
C ASP B 80 7.33 -19.21 1.26
N PHE B 81 8.00 -19.51 0.14
CA PHE B 81 9.44 -19.18 -0.04
C PHE B 81 9.66 -18.26 -1.27
N GLY B 82 8.87 -17.20 -1.37
CA GLY B 82 9.04 -16.24 -2.47
C GLY B 82 10.38 -15.55 -2.35
N GLY B 83 10.98 -15.59 -1.17
CA GLY B 83 12.36 -15.08 -1.03
C GLY B 83 13.29 -15.85 -1.96
N GLU B 84 13.17 -17.18 -1.97
CA GLU B 84 14.12 -18.02 -2.71
C GLU B 84 13.89 -17.84 -4.21
N VAL B 85 12.64 -17.57 -4.63
CA VAL B 85 12.34 -17.33 -6.05
C VAL B 85 13.06 -16.04 -6.48
N GLU B 86 13.14 -15.05 -5.58
CA GLU B 86 13.82 -13.75 -5.92
C GLU B 86 15.32 -13.96 -6.06
N ARG B 87 15.86 -14.82 -5.21
CA ARG B 87 17.30 -15.16 -5.18
C ARG B 87 17.70 -15.88 -6.46
N VAL B 88 16.82 -16.75 -6.97
CA VAL B 88 17.02 -17.47 -8.26
C VAL B 88 17.07 -16.45 -9.39
N MET B 89 16.10 -15.54 -9.44
CA MET B 89 15.96 -14.62 -10.58
C MET B 89 17.09 -13.61 -10.55
N SER B 90 17.59 -13.26 -9.37
CA SER B 90 18.71 -12.28 -9.31
C SER B 90 20.00 -12.94 -9.80
N MET B 91 20.02 -14.27 -9.95
CA MET B 91 21.23 -15.01 -10.38
C MET B 91 21.28 -15.21 -11.90
N VAL B 92 20.11 -15.31 -12.51
CA VAL B 92 20.00 -15.67 -13.95
C VAL B 92 19.77 -14.39 -14.74
N ASP B 93 19.86 -14.52 -16.06
CA ASP B 93 19.72 -13.40 -17.03
C ASP B 93 18.48 -13.58 -17.91
N SER B 94 17.73 -14.66 -17.74
CA SER B 94 16.46 -14.88 -18.49
C SER B 94 15.62 -15.94 -17.83
N VAL B 95 14.40 -16.11 -18.31
CA VAL B 95 13.54 -17.19 -17.74
C VAL B 95 12.98 -18.00 -18.90
N LEU B 96 12.90 -19.30 -18.72
CA LEU B 96 12.28 -20.22 -19.70
C LEU B 96 10.88 -20.60 -19.17
N LEU B 97 9.81 -20.09 -19.80
CA LEU B 97 8.45 -20.51 -19.34
C LEU B 97 8.01 -21.68 -20.21
N VAL B 98 7.89 -22.88 -19.64
CA VAL B 98 7.44 -24.08 -20.38
C VAL B 98 5.94 -24.28 -20.16
N VAL B 99 5.16 -24.40 -21.24
CA VAL B 99 3.66 -24.47 -21.14
C VAL B 99 3.14 -25.56 -22.07
N ASP B 100 2.17 -26.34 -21.59
CA ASP B 100 1.56 -27.46 -22.36
C ASP B 100 0.83 -26.93 -23.62
N ALA B 101 0.93 -27.67 -24.73
CA ALA B 101 0.27 -27.26 -26.01
C ALA B 101 -1.28 -27.41 -25.89
N PHE B 102 -1.77 -28.13 -24.89
CA PHE B 102 -3.25 -28.15 -24.70
C PHE B 102 -3.71 -27.28 -23.52
N ASP B 103 -3.12 -27.43 -22.33
CA ASP B 103 -3.60 -26.66 -21.13
C ASP B 103 -3.38 -25.16 -21.30
N GLY B 104 -2.30 -24.78 -21.96
CA GLY B 104 -1.86 -23.37 -21.96
C GLY B 104 -1.37 -23.01 -20.56
N PRO B 105 -0.98 -21.73 -20.33
CA PRO B 105 -0.39 -21.32 -19.07
C PRO B 105 -1.50 -21.44 -18.03
N MET B 106 -1.15 -21.88 -16.82
CA MET B 106 -2.07 -22.18 -15.70
C MET B 106 -1.78 -21.22 -14.53
N PRO B 107 -2.72 -21.02 -13.60
CA PRO B 107 -2.55 -20.02 -12.55
C PRO B 107 -1.43 -20.34 -11.55
N GLN B 108 -1.09 -21.62 -11.39
CA GLN B 108 -0.01 -22.06 -10.44
C GLN B 108 1.38 -21.44 -10.77
N THR B 109 1.67 -21.04 -12.00
CA THR B 109 3.03 -20.49 -12.36
C THR B 109 3.02 -18.95 -12.44
N ARG B 110 1.94 -18.30 -12.03
CA ARG B 110 1.84 -16.84 -12.19
C ARG B 110 2.74 -16.14 -11.17
N PHE B 111 2.73 -16.61 -9.94
CA PHE B 111 3.46 -15.94 -8.86
C PHE B 111 4.93 -15.87 -9.21
N VAL B 112 5.49 -16.98 -9.70
CA VAL B 112 6.97 -17.04 -9.97
C VAL B 112 7.23 -16.32 -11.30
N THR B 113 6.27 -16.40 -12.23
CA THR B 113 6.37 -15.61 -13.48
C THR B 113 6.43 -14.11 -13.14
N LYS B 114 5.55 -13.66 -12.26
CA LYS B 114 5.46 -12.22 -11.90
C LYS B 114 6.81 -11.79 -11.29
N LYS B 115 7.42 -12.64 -10.48
CA LYS B 115 8.78 -12.35 -9.95
C LYS B 115 9.79 -12.17 -11.09
N ALA B 116 9.77 -13.05 -12.06
CA ALA B 116 10.72 -13.03 -13.21
C ALA B 116 10.63 -11.68 -13.96
N PHE B 117 9.41 -11.23 -14.26
CA PHE B 117 9.13 -9.93 -14.95
C PHE B 117 9.54 -8.74 -14.06
N ALA B 118 9.27 -8.83 -12.77
CA ALA B 118 9.63 -7.82 -11.76
C ALA B 118 11.14 -7.71 -11.64
N HIS B 119 11.87 -8.79 -11.90
CA HIS B 119 13.36 -8.69 -11.89
C HIS B 119 13.85 -8.25 -13.30
N GLY B 120 12.92 -7.87 -14.20
CA GLY B 120 13.32 -7.27 -15.50
C GLY B 120 13.90 -8.29 -16.45
N LEU B 121 13.42 -9.53 -16.39
CA LEU B 121 13.98 -10.61 -17.26
C LEU B 121 13.11 -10.80 -18.48
N LYS B 122 13.73 -10.98 -19.65
CA LYS B 122 13.00 -11.26 -20.91
C LYS B 122 12.78 -12.75 -21.01
N PRO B 123 11.53 -13.21 -21.19
CA PRO B 123 11.24 -14.63 -21.22
C PRO B 123 11.36 -15.34 -22.55
N ILE B 124 11.61 -16.65 -22.50
CA ILE B 124 11.64 -17.56 -23.66
C ILE B 124 10.59 -18.62 -23.39
N VAL B 125 9.60 -18.67 -24.27
CA VAL B 125 8.39 -19.52 -24.10
C VAL B 125 8.56 -20.82 -24.88
N VAL B 126 8.35 -21.94 -24.21
CA VAL B 126 8.42 -23.27 -24.87
C VAL B 126 7.04 -23.86 -24.79
N ILE B 127 6.45 -24.12 -25.95
CA ILE B 127 5.15 -24.80 -25.94
C ILE B 127 5.46 -26.25 -26.23
N ASN B 128 5.42 -27.11 -25.21
CA ASN B 128 5.82 -28.52 -25.45
C ASN B 128 4.57 -29.40 -25.59
N LYS B 129 4.78 -30.68 -25.86
CA LYS B 129 3.68 -31.63 -26.12
C LYS B 129 2.84 -31.07 -27.27
N VAL B 130 3.48 -30.56 -28.31
CA VAL B 130 2.76 -30.00 -29.49
C VAL B 130 2.19 -31.15 -30.30
N ASP B 131 2.70 -32.36 -30.08
CA ASP B 131 2.24 -33.56 -30.82
C ASP B 131 1.10 -34.27 -30.12
N ARG B 132 0.77 -33.89 -28.87
CA ARG B 132 -0.25 -34.69 -28.14
C ARG B 132 -1.60 -34.48 -28.83
N PRO B 133 -2.50 -35.51 -28.85
CA PRO B 133 -3.83 -35.36 -29.43
C PRO B 133 -4.61 -34.12 -28.97
N GLY B 134 -5.13 -33.35 -29.94
CA GLY B 134 -5.97 -32.17 -29.63
C GLY B 134 -5.16 -31.00 -29.12
N ALA B 135 -3.85 -30.92 -29.45
CA ALA B 135 -3.05 -29.72 -29.11
C ALA B 135 -3.67 -28.52 -29.81
N ARG B 136 -3.59 -27.34 -29.18
CA ARG B 136 -4.09 -26.04 -29.74
C ARG B 136 -3.01 -25.00 -29.51
N PRO B 137 -1.84 -25.14 -30.16
CA PRO B 137 -0.70 -24.26 -29.95
C PRO B 137 -0.95 -22.75 -30.16
N ASP B 138 -1.69 -22.42 -31.21
CA ASP B 138 -2.01 -21.01 -31.57
C ASP B 138 -2.81 -20.36 -30.44
N TRP B 139 -3.75 -21.11 -29.87
CA TRP B 139 -4.57 -20.61 -28.74
C TRP B 139 -3.64 -20.41 -27.52
N VAL B 140 -2.74 -21.35 -27.25
CA VAL B 140 -1.79 -21.20 -26.12
C VAL B 140 -0.99 -19.89 -26.31
N VAL B 141 -0.57 -19.59 -27.54
CA VAL B 141 0.18 -18.33 -27.80
C VAL B 141 -0.65 -17.14 -27.35
N ASP B 142 -1.90 -17.07 -27.82
CA ASP B 142 -2.82 -15.99 -27.40
C ASP B 142 -2.89 -15.95 -25.88
N GLN B 143 -3.05 -17.10 -25.20
CA GLN B 143 -3.16 -17.12 -23.70
C GLN B 143 -1.88 -16.56 -23.07
N VAL B 144 -0.74 -16.88 -23.64
CA VAL B 144 0.56 -16.47 -23.04
C VAL B 144 0.69 -14.96 -23.19
N PHE B 145 0.33 -14.48 -24.38
CA PHE B 145 0.31 -13.01 -24.66
C PHE B 145 -0.53 -12.28 -23.59
N ASP B 146 -1.73 -12.78 -23.34
CA ASP B 146 -2.67 -12.18 -22.34
C ASP B 146 -2.05 -12.19 -20.96
N LEU B 147 -1.41 -13.27 -20.59
CA LEU B 147 -0.78 -13.35 -19.25
C LEU B 147 0.27 -12.24 -19.07
N PHE B 148 1.18 -12.11 -20.00
CA PHE B 148 2.29 -11.13 -19.97
C PHE B 148 1.73 -9.72 -19.92
N VAL B 149 0.71 -9.45 -20.72
CA VAL B 149 0.06 -8.13 -20.66
C VAL B 149 -0.56 -7.99 -19.26
N ASN B 150 -1.11 -9.06 -18.72
CA ASN B 150 -1.73 -8.97 -17.40
C ASN B 150 -0.62 -8.83 -16.34
N LEU B 151 0.60 -9.24 -16.67
CA LEU B 151 1.71 -9.14 -15.71
C LEU B 151 2.42 -7.81 -15.85
N ASP B 152 1.85 -6.88 -16.63
CA ASP B 152 2.40 -5.52 -16.83
C ASP B 152 3.75 -5.63 -17.55
N ALA B 153 3.87 -6.53 -18.53
CA ALA B 153 5.15 -6.75 -19.23
C ALA B 153 5.57 -5.46 -19.97
N THR B 154 6.89 -5.19 -20.01
CA THR B 154 7.44 -4.11 -20.85
C THR B 154 7.43 -4.54 -22.33
N ASP B 155 7.55 -3.60 -23.25
CA ASP B 155 7.62 -3.91 -24.71
C ASP B 155 8.73 -4.96 -24.93
N GLU B 156 9.88 -4.82 -24.25
CA GLU B 156 11.01 -5.78 -24.37
C GLU B 156 10.56 -7.20 -23.95
N GLN B 157 9.77 -7.25 -22.89
CA GLN B 157 9.27 -8.53 -22.35
C GLN B 157 8.17 -9.10 -23.26
N LEU B 158 7.46 -8.24 -24.00
CA LEU B 158 6.37 -8.68 -24.92
C LEU B 158 6.99 -9.17 -26.25
N ASP B 159 8.27 -8.92 -26.50
CA ASP B 159 8.92 -9.34 -27.78
C ASP B 159 9.77 -10.55 -27.47
N PHE B 160 9.15 -11.73 -27.52
CA PHE B 160 9.78 -12.92 -26.92
C PHE B 160 9.69 -14.10 -27.88
N PRO B 161 10.74 -14.90 -27.92
CA PRO B 161 10.80 -16.01 -28.85
C PRO B 161 9.85 -17.15 -28.40
N ILE B 162 9.32 -17.86 -29.39
CA ILE B 162 8.44 -19.02 -29.12
C ILE B 162 9.09 -20.21 -29.79
N ILE B 163 9.28 -21.28 -29.03
CA ILE B 163 9.82 -22.56 -29.52
C ILE B 163 8.78 -23.61 -29.22
N TYR B 164 8.32 -24.32 -30.24
CA TYR B 164 7.35 -25.45 -30.11
C TYR B 164 8.18 -26.70 -29.92
N ALA B 165 7.71 -27.66 -29.12
CA ALA B 165 8.62 -28.76 -28.73
C ALA B 165 7.85 -30.03 -28.47
N SER B 166 8.47 -31.16 -28.76
CA SER B 166 7.97 -32.51 -28.44
C SER B 166 9.14 -33.29 -27.87
N ALA B 167 9.30 -33.22 -26.55
CA ALA B 167 10.30 -34.00 -25.78
C ALA B 167 10.15 -35.47 -26.16
N LEU B 168 8.92 -35.94 -26.29
CA LEU B 168 8.66 -37.36 -26.66
C LEU B 168 9.46 -37.73 -27.93
N ASN B 169 9.29 -36.95 -29.01
CA ASN B 169 9.94 -37.22 -30.30
C ASN B 169 11.29 -36.50 -30.39
N GLY B 170 11.63 -35.66 -29.40
CA GLY B 170 12.95 -35.01 -29.36
C GLY B 170 13.14 -34.00 -30.49
N ILE B 171 12.12 -33.16 -30.73
CA ILE B 171 12.16 -32.18 -31.85
C ILE B 171 11.68 -30.81 -31.35
N ALA B 172 12.18 -29.74 -31.97
CA ALA B 172 11.69 -28.38 -31.62
C ALA B 172 11.61 -27.56 -32.89
N GLY B 173 10.90 -26.42 -32.85
CA GLY B 173 10.89 -25.48 -33.99
C GLY B 173 10.24 -24.14 -33.69
N LEU B 174 10.50 -23.15 -34.53
CA LEU B 174 9.84 -21.81 -34.51
C LEU B 174 8.44 -21.92 -35.10
N ASP B 175 8.17 -22.97 -35.91
CA ASP B 175 6.82 -23.22 -36.51
C ASP B 175 6.39 -24.66 -36.18
N HIS B 176 5.26 -24.83 -35.48
CA HIS B 176 4.73 -26.14 -35.06
C HIS B 176 4.32 -27.01 -36.27
N GLU B 177 4.21 -26.43 -37.47
CA GLU B 177 3.74 -27.22 -38.68
C GLU B 177 4.93 -27.60 -39.55
N ASP B 178 6.11 -27.09 -39.20
CA ASP B 178 7.37 -27.33 -39.93
C ASP B 178 8.49 -27.37 -38.90
N MET B 179 8.45 -28.40 -38.05
CA MET B 179 9.38 -28.66 -36.93
C MET B 179 10.69 -29.21 -37.50
N ALA B 180 11.81 -28.95 -36.81
CA ALA B 180 13.13 -29.46 -37.24
C ALA B 180 13.27 -30.95 -36.89
N GLU B 181 14.39 -31.57 -37.29
CA GLU B 181 14.69 -33.00 -37.04
C GLU B 181 15.03 -33.23 -35.58
N ASP B 182 15.49 -32.19 -34.88
CA ASP B 182 15.96 -32.35 -33.49
C ASP B 182 15.65 -31.08 -32.68
N MET B 183 16.31 -30.91 -31.52
CA MET B 183 16.08 -29.81 -30.53
C MET B 183 16.93 -28.58 -30.85
N THR B 184 17.72 -28.63 -31.94
CA THR B 184 18.64 -27.53 -32.32
C THR B 184 17.99 -26.16 -32.03
N PRO B 185 16.76 -25.86 -32.55
CA PRO B 185 16.12 -24.56 -32.35
C PRO B 185 15.98 -24.05 -30.90
N LEU B 186 15.73 -24.97 -29.95
CA LEU B 186 15.58 -24.52 -28.55
C LEU B 186 16.92 -24.01 -28.05
N TYR B 187 17.98 -24.81 -28.23
CA TYR B 187 19.33 -24.37 -27.83
C TYR B 187 19.67 -23.01 -28.48
N GLN B 188 19.39 -22.86 -29.78
CA GLN B 188 19.77 -21.63 -30.55
C GLN B 188 18.99 -20.43 -30.02
N ALA B 189 17.73 -20.63 -29.72
CA ALA B 189 16.87 -19.58 -29.10
C ALA B 189 17.48 -19.14 -27.76
N ILE B 190 17.97 -20.08 -26.97
CA ILE B 190 18.60 -19.70 -25.67
C ILE B 190 19.88 -18.88 -25.91
N VAL B 191 20.78 -19.28 -26.83
CA VAL B 191 22.06 -18.52 -26.92
C VAL B 191 21.82 -17.18 -27.62
N ASP B 192 20.84 -17.15 -28.54
CA ASP B 192 20.55 -15.91 -29.30
C ASP B 192 19.86 -14.86 -28.42
N HIS B 193 18.95 -15.26 -27.50
CA HIS B 193 18.03 -14.25 -26.89
C HIS B 193 18.27 -14.07 -25.39
N VAL B 194 19.10 -14.90 -24.78
CA VAL B 194 19.53 -14.77 -23.36
C VAL B 194 20.90 -14.12 -23.36
N PRO B 195 21.12 -12.96 -22.73
CA PRO B 195 22.46 -12.37 -22.71
C PRO B 195 23.45 -13.13 -21.81
N ALA B 196 24.75 -13.04 -22.13
CA ALA B 196 25.80 -13.60 -21.25
C ALA B 196 25.73 -12.89 -19.90
N PRO B 197 26.33 -13.45 -18.83
CA PRO B 197 26.39 -12.72 -17.55
C PRO B 197 27.13 -11.38 -17.69
N ASP B 198 26.62 -10.32 -17.05
CA ASP B 198 27.33 -9.01 -16.99
C ASP B 198 28.21 -9.02 -15.73
N VAL B 199 29.49 -9.30 -15.89
CA VAL B 199 30.39 -9.49 -14.72
C VAL B 199 31.81 -9.03 -15.08
N ASP B 200 32.66 -8.83 -14.06
CA ASP B 200 34.08 -8.37 -14.17
C ASP B 200 34.98 -9.56 -13.83
N LEU B 201 35.55 -10.20 -14.85
CA LEU B 201 36.41 -11.40 -14.65
C LEU B 201 37.75 -11.04 -13.99
N ASP B 202 38.24 -9.82 -14.17
CA ASP B 202 39.61 -9.38 -13.79
C ASP B 202 39.64 -8.69 -12.40
N GLY B 203 38.51 -8.16 -11.91
CA GLY B 203 38.46 -7.53 -10.57
C GLY B 203 38.60 -8.56 -9.43
N PRO B 204 38.67 -8.11 -8.15
CA PRO B 204 38.82 -9.03 -7.02
C PRO B 204 37.58 -9.89 -6.74
N LEU B 205 37.83 -11.13 -6.31
CA LEU B 205 36.80 -12.15 -5.99
C LEU B 205 35.68 -11.53 -5.16
N GLN B 206 34.47 -11.70 -5.66
CA GLN B 206 33.25 -11.28 -4.95
C GLN B 206 32.16 -12.29 -5.33
N MET B 207 31.69 -13.08 -4.36
CA MET B 207 30.65 -14.10 -4.64
C MET B 207 29.64 -14.14 -3.50
N GLN B 208 28.36 -13.97 -3.83
CA GLN B 208 27.29 -13.94 -2.81
C GLN B 208 26.59 -15.30 -2.78
N ILE B 209 26.23 -15.76 -1.57
CA ILE B 209 25.51 -17.03 -1.37
C ILE B 209 24.03 -16.78 -1.65
N SER B 210 23.49 -17.40 -2.70
CA SER B 210 22.04 -17.35 -3.06
C SER B 210 21.27 -18.54 -2.43
N GLN B 211 21.90 -19.69 -2.33
CA GLN B 211 21.19 -20.94 -1.95
C GLN B 211 22.10 -21.75 -1.06
N LEU B 212 21.53 -22.60 -0.21
CA LEU B 212 22.35 -23.46 0.70
C LEU B 212 21.98 -24.93 0.49
N ASP B 213 22.97 -25.79 0.63
CA ASP B 213 22.76 -27.24 0.52
C ASP B 213 23.64 -27.87 1.60
N TYR B 214 23.37 -29.10 1.95
CA TYR B 214 24.22 -29.77 2.96
C TYR B 214 24.52 -31.16 2.48
N ASN B 215 25.67 -31.67 2.88
CA ASN B 215 26.09 -33.00 2.43
C ASN B 215 26.92 -33.62 3.55
N ASN B 216 26.66 -34.87 3.92
CA ASN B 216 27.38 -35.53 5.04
C ASN B 216 28.86 -35.74 4.67
N TYR B 217 29.21 -35.64 3.38
CA TYR B 217 30.62 -35.87 2.99
C TYR B 217 31.43 -34.62 3.26
N VAL B 218 30.80 -33.43 3.19
CA VAL B 218 31.58 -32.18 3.10
C VAL B 218 30.99 -31.08 4.00
N GLY B 219 29.79 -31.26 4.53
CA GLY B 219 29.15 -30.20 5.38
C GLY B 219 28.38 -29.16 4.57
N VAL B 220 28.34 -27.92 5.05
CA VAL B 220 27.56 -26.82 4.41
C VAL B 220 28.13 -26.49 3.04
N ILE B 221 27.24 -26.37 2.06
CA ILE B 221 27.57 -26.04 0.65
C ILE B 221 26.87 -24.73 0.31
N GLY B 222 27.63 -23.73 -0.12
CA GLY B 222 27.04 -22.47 -0.58
C GLY B 222 26.89 -22.48 -2.07
N ILE B 223 25.80 -21.93 -2.57
CA ILE B 223 25.54 -21.91 -4.03
C ILE B 223 25.36 -20.47 -4.46
N GLY B 224 25.99 -20.09 -5.57
CA GLY B 224 25.90 -18.69 -5.99
C GLY B 224 26.57 -18.46 -7.32
N ARG B 225 26.22 -17.36 -7.97
CA ARG B 225 26.91 -16.96 -9.22
C ARG B 225 28.00 -15.94 -8.86
N ILE B 226 29.25 -16.21 -9.21
CA ILE B 226 30.38 -15.31 -8.85
C ILE B 226 30.12 -13.96 -9.55
N LYS B 227 30.05 -12.86 -8.77
CA LYS B 227 29.86 -11.51 -9.36
C LYS B 227 31.16 -11.02 -10.03
N ARG B 228 32.32 -11.35 -9.45
CA ARG B 228 33.58 -10.75 -9.90
C ARG B 228 34.78 -11.63 -9.55
N GLY B 229 35.76 -11.72 -10.46
CA GLY B 229 37.03 -12.40 -10.18
C GLY B 229 36.91 -13.91 -10.26
N LYS B 230 37.77 -14.59 -9.52
CA LYS B 230 38.00 -16.05 -9.63
C LYS B 230 38.18 -16.64 -8.24
N VAL B 231 37.83 -17.92 -8.09
CA VAL B 231 38.01 -18.61 -6.77
C VAL B 231 38.65 -19.96 -7.00
N LYS B 232 39.64 -20.32 -6.17
CA LYS B 232 40.34 -21.62 -6.26
C LYS B 232 40.19 -22.37 -4.94
N PRO B 233 40.36 -23.71 -4.87
CA PRO B 233 40.35 -24.41 -3.59
C PRO B 233 41.53 -23.90 -2.74
N ASN B 234 41.35 -23.86 -1.42
CA ASN B 234 42.40 -23.45 -0.44
C ASN B 234 42.66 -21.94 -0.55
N GLN B 235 41.81 -21.17 -1.24
CA GLN B 235 42.03 -19.72 -1.38
C GLN B 235 41.61 -19.05 -0.07
N GLN B 236 42.40 -18.09 0.37
CA GLN B 236 42.06 -17.31 1.58
C GLN B 236 41.01 -16.27 1.19
N VAL B 237 39.89 -16.23 1.93
CA VAL B 237 38.79 -15.30 1.64
C VAL B 237 38.32 -14.67 2.94
N THR B 238 37.69 -13.51 2.81
CA THR B 238 36.98 -12.88 3.93
C THR B 238 35.50 -12.91 3.58
N ILE B 239 34.68 -13.41 4.51
CA ILE B 239 33.21 -13.50 4.31
C ILE B 239 32.57 -12.34 5.05
N ILE B 240 31.64 -11.62 4.40
CA ILE B 240 30.95 -10.46 5.06
C ILE B 240 29.43 -10.63 4.94
N ASP B 241 28.72 -10.50 6.06
CA ASP B 241 27.26 -10.75 6.09
C ASP B 241 26.52 -9.45 5.77
N SER B 242 25.18 -9.48 5.76
CA SER B 242 24.33 -8.30 5.42
C SER B 242 24.24 -7.34 6.61
N GLU B 243 24.92 -7.66 7.73
CA GLU B 243 25.02 -6.75 8.91
C GLU B 243 26.43 -6.13 8.94
N GLY B 244 27.28 -6.46 7.95
CA GLY B 244 28.65 -5.89 7.84
C GLY B 244 29.68 -6.63 8.71
N LYS B 245 29.25 -7.60 9.54
CA LYS B 245 30.22 -8.36 10.37
C LYS B 245 31.02 -9.30 9.44
N THR B 246 32.30 -9.50 9.73
CA THR B 246 33.20 -10.26 8.82
C THR B 246 33.90 -11.41 9.56
N ARG B 247 34.44 -12.35 8.78
CA ARG B 247 35.30 -13.44 9.29
C ARG B 247 36.19 -13.93 8.13
N ASN B 248 37.44 -14.24 8.41
CA ASN B 248 38.40 -14.81 7.44
C ASN B 248 38.16 -16.32 7.35
N ALA B 249 38.32 -16.90 6.16
CA ALA B 249 38.14 -18.36 6.02
C ALA B 249 38.93 -18.87 4.82
N LYS B 250 39.00 -20.18 4.68
CA LYS B 250 39.78 -20.81 3.61
C LYS B 250 38.87 -21.72 2.80
N VAL B 251 38.85 -21.52 1.49
CA VAL B 251 37.99 -22.35 0.62
C VAL B 251 38.44 -23.81 0.72
N GLY B 252 37.50 -24.72 0.94
CA GLY B 252 37.77 -26.16 0.85
C GLY B 252 37.71 -26.58 -0.59
N LYS B 253 36.51 -26.72 -1.15
CA LYS B 253 36.36 -27.21 -2.55
C LYS B 253 35.52 -26.24 -3.36
N VAL B 254 35.86 -26.14 -4.65
CA VAL B 254 35.11 -25.30 -5.63
C VAL B 254 34.45 -26.26 -6.62
N LEU B 255 33.13 -26.22 -6.71
CA LEU B 255 32.39 -27.24 -7.52
C LEU B 255 31.63 -26.57 -8.66
N THR B 256 31.97 -26.96 -9.87
CA THR B 256 31.23 -26.45 -11.05
C THR B 256 30.10 -27.44 -11.36
N HIS B 257 29.24 -27.09 -12.32
CA HIS B 257 28.09 -27.94 -12.70
C HIS B 257 28.36 -28.57 -14.09
N LEU B 258 28.11 -29.87 -14.21
CA LEU B 258 28.12 -30.63 -15.47
C LEU B 258 26.91 -31.55 -15.46
N GLY B 259 25.95 -31.37 -16.35
CA GLY B 259 24.74 -32.19 -16.33
C GLY B 259 24.04 -32.08 -14.99
N LEU B 260 23.70 -33.21 -14.37
CA LEU B 260 23.08 -33.13 -13.02
C LEU B 260 24.15 -33.22 -11.91
N GLU B 261 25.46 -33.28 -12.25
CA GLU B 261 26.45 -33.53 -11.17
C GLU B 261 27.32 -32.29 -10.91
N ARG B 262 27.91 -32.26 -9.72
CA ARG B 262 28.89 -31.25 -9.27
C ARG B 262 30.28 -31.80 -9.52
N ILE B 263 31.19 -30.95 -9.98
CA ILE B 263 32.54 -31.42 -10.37
C ILE B 263 33.60 -30.70 -9.52
N ASP B 264 34.42 -31.47 -8.83
CA ASP B 264 35.62 -30.96 -8.12
C ASP B 264 36.46 -30.20 -9.14
N SER B 265 36.62 -28.87 -8.96
CA SER B 265 37.36 -28.04 -9.96
C SER B 265 38.53 -27.30 -9.28
N ASN B 266 39.55 -26.98 -10.07
CA ASN B 266 40.74 -26.24 -9.57
C ASN B 266 40.51 -24.72 -9.68
N ILE B 267 39.39 -24.29 -10.30
CA ILE B 267 39.12 -22.84 -10.48
C ILE B 267 37.68 -22.65 -10.97
N ALA B 268 37.16 -21.42 -10.82
CA ALA B 268 35.83 -21.04 -11.32
C ALA B 268 35.81 -19.52 -11.40
N GLU B 269 35.15 -18.99 -12.42
CA GLU B 269 35.25 -17.56 -12.77
C GLU B 269 33.91 -16.85 -12.66
N ALA B 270 33.93 -15.52 -12.75
CA ALA B 270 32.72 -14.67 -12.72
C ALA B 270 31.71 -15.12 -13.78
N GLY B 271 30.42 -15.07 -13.41
CA GLY B 271 29.32 -15.46 -14.30
C GLY B 271 28.91 -16.90 -14.07
N ASP B 272 29.85 -17.74 -13.59
CA ASP B 272 29.58 -19.18 -13.33
C ASP B 272 28.71 -19.33 -12.06
N ILE B 273 27.79 -20.30 -12.11
CA ILE B 273 26.96 -20.68 -10.93
C ILE B 273 27.67 -21.87 -10.31
N ILE B 274 28.07 -21.73 -9.05
CA ILE B 274 28.94 -22.77 -8.46
C ILE B 274 28.47 -23.11 -7.06
N ALA B 275 28.88 -24.28 -6.59
CA ALA B 275 28.82 -24.71 -5.18
C ALA B 275 30.22 -24.51 -4.55
N ILE B 276 30.29 -24.04 -3.32
CA ILE B 276 31.61 -23.89 -2.63
C ILE B 276 31.47 -24.52 -1.23
N THR B 277 32.57 -25.08 -0.72
CA THR B 277 32.54 -25.81 0.57
C THR B 277 33.75 -25.39 1.45
N GLY B 278 33.72 -25.82 2.69
CA GLY B 278 34.82 -25.57 3.63
C GLY B 278 34.81 -24.15 4.20
N LEU B 279 33.69 -23.43 4.04
CA LEU B 279 33.64 -22.07 4.58
C LEU B 279 32.76 -22.00 5.84
N GLY B 280 32.61 -23.12 6.54
CA GLY B 280 31.77 -23.15 7.75
C GLY B 280 30.31 -22.79 7.48
N GLU B 281 29.66 -22.11 8.46
CA GLU B 281 28.19 -21.86 8.48
C GLU B 281 27.81 -20.68 7.59
N LEU B 282 27.90 -20.88 6.28
CA LEU B 282 27.46 -19.86 5.31
C LEU B 282 25.98 -19.56 5.48
N ASN B 283 25.61 -18.29 5.35
CA ASN B 283 24.22 -17.82 5.44
C ASN B 283 23.85 -17.16 4.10
N ILE B 284 22.54 -17.12 3.81
CA ILE B 284 22.02 -16.39 2.62
C ILE B 284 22.54 -14.96 2.67
N SER B 285 23.07 -14.50 1.53
CA SER B 285 23.51 -13.10 1.25
C SER B 285 24.93 -12.83 1.77
N ASP B 286 25.58 -13.81 2.38
CA ASP B 286 27.01 -13.68 2.74
C ASP B 286 27.82 -13.47 1.46
N THR B 287 28.76 -12.53 1.50
CA THR B 287 29.59 -12.28 0.31
C THR B 287 31.01 -12.78 0.61
N ILE B 288 31.44 -13.74 -0.20
CA ILE B 288 32.83 -14.28 -0.13
C ILE B 288 33.71 -13.33 -0.94
N CYS B 289 34.73 -12.77 -0.27
CA CYS B 289 35.54 -11.69 -0.83
C CYS B 289 37.03 -11.96 -0.70
N ASP B 290 37.75 -11.48 -1.71
CA ASP B 290 39.22 -11.42 -1.67
C ASP B 290 39.59 -10.61 -0.42
N PRO B 291 40.51 -11.11 0.44
CA PRO B 291 40.85 -10.45 1.70
C PRO B 291 41.09 -8.93 1.73
N GLN B 292 41.62 -8.27 0.67
CA GLN B 292 41.87 -6.78 0.74
C GLN B 292 40.71 -6.01 0.09
N ASN B 293 39.73 -6.73 -0.47
CA ASN B 293 38.63 -6.10 -1.24
C ASN B 293 37.30 -6.59 -0.68
N VAL B 294 37.08 -6.30 0.61
CA VAL B 294 35.86 -6.73 1.35
C VAL B 294 34.73 -5.80 0.94
N GLU B 295 33.91 -6.24 -0.04
CA GLU B 295 32.80 -5.43 -0.61
C GLU B 295 31.53 -6.29 -0.61
N ALA B 296 30.61 -5.99 0.30
CA ALA B 296 29.34 -6.73 0.44
C ALA B 296 28.41 -6.39 -0.72
N LEU B 297 27.75 -7.41 -1.30
CA LEU B 297 26.71 -7.07 -2.32
C LEU B 297 25.41 -6.75 -1.58
N PRO B 298 24.44 -6.10 -2.22
CA PRO B 298 23.14 -5.86 -1.60
C PRO B 298 22.49 -7.11 -0.96
N ALA B 299 21.86 -6.91 0.21
CA ALA B 299 21.20 -7.99 0.97
C ALA B 299 20.15 -8.67 0.07
N LEU B 300 20.07 -9.99 0.14
CA LEU B 300 19.08 -10.74 -0.66
C LEU B 300 17.82 -10.99 0.18
N SER B 301 16.67 -11.02 -0.48
CA SER B 301 15.38 -11.47 0.09
C SER B 301 15.63 -12.75 0.91
N VAL B 302 15.27 -12.79 2.18
CA VAL B 302 15.57 -14.01 2.99
C VAL B 302 14.25 -14.58 3.51
N ASP B 303 14.12 -15.91 3.52
CA ASP B 303 12.88 -16.59 3.97
C ASP B 303 12.95 -16.73 5.50
N GLU B 304 12.61 -15.65 6.24
CA GLU B 304 12.80 -15.64 7.72
C GLU B 304 11.78 -16.55 8.38
N PRO B 305 12.20 -17.40 9.34
CA PRO B 305 11.27 -18.19 10.13
C PRO B 305 10.46 -17.19 10.96
N THR B 306 9.17 -17.09 10.70
CA THR B 306 8.35 -16.03 11.32
C THR B 306 7.51 -16.60 12.47
N VAL B 307 7.26 -17.91 12.44
CA VAL B 307 6.37 -18.53 13.46
C VAL B 307 7.18 -19.43 14.39
N SER B 308 6.81 -19.41 15.68
CA SER B 308 7.53 -20.17 16.73
C SER B 308 6.57 -21.08 17.50
N MET B 309 7.11 -22.21 18.00
CA MET B 309 6.43 -23.14 18.95
C MET B 309 7.45 -23.67 19.94
N PHE B 310 6.99 -24.00 21.15
CA PHE B 310 7.81 -24.75 22.13
C PHE B 310 7.59 -26.24 21.88
N PHE B 311 8.69 -26.95 21.66
CA PHE B 311 8.71 -28.43 21.58
C PHE B 311 9.23 -28.99 22.91
N CYS B 312 8.33 -29.37 23.82
CA CYS B 312 8.72 -29.72 25.23
C CYS B 312 8.65 -31.25 25.44
N VAL B 313 9.42 -31.76 26.42
CA VAL B 313 9.24 -33.17 26.85
C VAL B 313 7.80 -33.29 27.38
N ASN B 314 7.14 -34.37 27.00
CA ASN B 314 5.77 -34.65 27.48
C ASN B 314 5.83 -34.96 28.98
N THR B 315 5.24 -34.11 29.82
CA THR B 315 5.28 -34.24 31.30
C THR B 315 3.93 -34.79 31.82
N SER B 316 3.06 -35.26 30.92
CA SER B 316 1.69 -35.70 31.32
C SER B 316 1.73 -37.02 32.07
N PRO B 317 0.72 -37.32 32.91
CA PRO B 317 0.62 -38.59 33.61
C PRO B 317 0.64 -39.79 32.67
N PHE B 318 0.44 -39.55 31.36
CA PHE B 318 0.40 -40.65 30.37
C PHE B 318 1.75 -40.74 29.64
N CYS B 319 2.74 -39.97 30.08
CA CYS B 319 4.02 -39.84 29.33
C CYS B 319 4.77 -41.19 29.30
N GLY B 320 5.29 -41.57 28.13
CA GLY B 320 6.10 -42.79 27.97
C GLY B 320 5.29 -44.00 27.56
N LYS B 321 3.96 -43.87 27.59
CA LYS B 321 3.08 -45.06 27.50
C LYS B 321 2.60 -45.28 26.07
N GLU B 322 3.06 -44.48 25.10
CA GLU B 322 2.60 -44.63 23.69
C GLU B 322 3.78 -44.60 22.72
N GLY B 323 4.79 -43.77 22.97
CA GLY B 323 5.93 -43.63 22.03
C GLY B 323 7.24 -44.07 22.68
N LYS B 324 8.20 -44.52 21.87
CA LYS B 324 9.48 -45.06 22.39
C LYS B 324 10.51 -43.95 22.63
N PHE B 325 10.36 -42.75 22.05
CA PHE B 325 11.36 -41.66 22.23
C PHE B 325 10.71 -40.51 23.01
N VAL B 326 11.28 -40.16 24.16
CA VAL B 326 10.56 -39.21 25.07
C VAL B 326 11.52 -38.28 25.77
N THR B 327 12.79 -38.65 25.84
CA THR B 327 13.78 -37.89 26.65
C THR B 327 14.04 -36.53 25.98
N SER B 328 14.56 -35.59 26.77
CA SER B 328 14.85 -34.26 26.20
C SER B 328 16.03 -34.35 25.21
N ARG B 329 16.92 -35.34 25.39
CA ARG B 329 18.11 -35.50 24.51
C ARG B 329 17.67 -36.12 23.18
N GLN B 330 16.81 -37.12 23.24
CA GLN B 330 16.34 -37.78 21.99
C GLN B 330 15.63 -36.76 21.11
N ILE B 331 14.87 -35.83 21.71
CA ILE B 331 14.11 -34.84 20.88
C ILE B 331 15.10 -33.82 20.31
N LEU B 332 16.02 -33.33 21.13
CA LEU B 332 17.00 -32.33 20.66
C LEU B 332 17.87 -32.94 19.53
N ASP B 333 18.28 -34.19 19.67
CA ASP B 333 19.10 -34.90 18.65
C ASP B 333 18.30 -34.94 17.33
N ARG B 334 17.00 -35.21 17.42
CA ARG B 334 16.13 -35.30 16.23
C ARG B 334 15.94 -33.90 15.63
N LEU B 335 15.96 -32.86 16.49
CA LEU B 335 15.77 -31.47 16.03
C LEU B 335 17.02 -31.00 15.28
N ASN B 336 18.19 -31.12 15.91
CA ASN B 336 19.47 -30.76 15.26
C ASN B 336 19.64 -31.61 13.99
N LYS B 337 19.12 -32.84 13.97
CA LYS B 337 19.21 -33.69 12.75
C LYS B 337 18.39 -33.05 11.61
N GLU B 338 17.24 -32.45 11.95
CA GLU B 338 16.36 -31.73 10.97
C GLU B 338 17.06 -30.45 10.47
N LEU B 339 17.65 -29.72 11.41
CA LEU B 339 18.32 -28.41 11.19
C LEU B 339 19.31 -28.47 10.00
N VAL B 340 20.11 -29.55 9.89
CA VAL B 340 21.13 -29.67 8.81
C VAL B 340 20.43 -29.90 7.45
N HIS B 341 19.27 -30.58 7.43
CA HIS B 341 18.56 -30.92 6.17
C HIS B 341 17.50 -29.86 5.83
N ASN B 342 17.29 -28.89 6.72
CA ASN B 342 16.22 -27.89 6.54
C ASN B 342 16.72 -26.52 7.01
N VAL B 343 17.22 -25.70 6.08
CA VAL B 343 17.87 -24.38 6.37
C VAL B 343 16.83 -23.34 6.78
N ALA B 344 15.54 -23.67 6.68
CA ALA B 344 14.46 -22.75 7.08
C ALA B 344 14.26 -22.78 8.60
N LEU B 345 14.56 -23.93 9.24
CA LEU B 345 14.38 -24.11 10.72
C LEU B 345 15.41 -23.31 11.51
N ARG B 346 15.11 -23.05 12.80
CA ARG B 346 15.96 -22.25 13.72
C ARG B 346 15.74 -22.72 15.16
N VAL B 347 16.24 -23.92 15.51
CA VAL B 347 16.06 -24.51 16.86
C VAL B 347 16.89 -23.71 17.86
N GLU B 348 16.33 -23.37 19.03
CA GLU B 348 17.05 -22.54 20.06
C GLU B 348 16.86 -23.16 21.46
N GLU B 349 17.85 -23.00 22.35
CA GLU B 349 17.75 -23.51 23.75
C GLU B 349 17.06 -22.46 24.63
N THR B 350 16.23 -22.90 25.58
CA THR B 350 15.54 -21.96 26.51
C THR B 350 15.97 -22.26 27.94
N GLU B 351 15.45 -21.48 28.92
CA GLU B 351 15.79 -21.61 30.37
C GLU B 351 15.51 -23.06 30.82
N ASP B 352 14.49 -23.68 30.24
CA ASP B 352 14.12 -25.08 30.54
C ASP B 352 14.93 -26.00 29.60
N ALA B 353 15.51 -27.08 30.14
CA ALA B 353 16.34 -28.08 29.40
C ALA B 353 15.43 -29.13 28.75
N ASP B 354 14.15 -29.15 29.15
CA ASP B 354 13.14 -30.09 28.58
C ASP B 354 12.16 -29.27 27.71
N ALA B 355 12.61 -28.12 27.16
CA ALA B 355 11.80 -27.24 26.29
C ALA B 355 12.69 -26.63 25.18
N PHE B 356 12.22 -26.62 23.92
CA PHE B 356 13.06 -26.11 22.79
C PHE B 356 12.22 -25.21 21.87
N ARG B 357 12.62 -23.94 21.72
CA ARG B 357 11.87 -23.00 20.84
C ARG B 357 12.24 -23.28 19.37
N VAL B 358 11.28 -23.83 18.62
CA VAL B 358 11.49 -24.18 17.19
C VAL B 358 10.78 -23.12 16.34
N SER B 359 11.50 -22.52 15.38
CA SER B 359 10.94 -21.44 14.50
C SER B 359 10.97 -21.90 13.04
N GLY B 360 9.96 -21.53 12.24
CA GLY B 360 9.89 -22.00 10.83
C GLY B 360 9.09 -21.10 9.90
N ARG B 361 9.01 -21.49 8.63
CA ARG B 361 8.31 -20.66 7.63
C ARG B 361 6.84 -21.10 7.62
N GLY B 362 6.05 -20.53 8.53
CA GLY B 362 4.62 -20.86 8.64
C GLY B 362 4.37 -22.06 9.54
N GLU B 363 3.21 -22.11 10.21
CA GLU B 363 2.83 -23.23 11.12
C GLU B 363 2.91 -24.57 10.37
N LEU B 364 2.67 -24.57 9.05
CA LEU B 364 2.71 -25.81 8.20
C LEU B 364 4.08 -26.46 8.34
N HIS B 365 5.13 -25.63 8.32
CA HIS B 365 6.53 -26.06 8.44
C HIS B 365 6.73 -26.78 9.77
N LEU B 366 6.25 -26.19 10.84
CA LEU B 366 6.31 -26.78 12.18
C LEU B 366 5.44 -28.03 12.27
N SER B 367 4.19 -27.96 11.79
CA SER B 367 3.26 -29.11 11.84
C SER B 367 3.82 -30.32 11.10
N VAL B 368 4.43 -30.13 9.93
CA VAL B 368 5.00 -31.30 9.17
C VAL B 368 6.11 -31.96 9.98
N LEU B 369 6.98 -31.15 10.59
CA LEU B 369 8.05 -31.72 11.44
C LEU B 369 7.43 -32.60 12.53
N ILE B 370 6.46 -32.06 13.27
CA ILE B 370 5.87 -32.82 14.39
C ILE B 370 5.30 -34.14 13.85
N GLU B 371 4.63 -34.09 12.70
CA GLU B 371 4.00 -35.31 12.13
C GLU B 371 5.08 -36.30 11.77
N ASN B 372 6.21 -35.80 11.30
CA ASN B 372 7.32 -36.74 10.98
C ASN B 372 7.79 -37.41 12.29
N MET B 373 7.97 -36.66 13.36
CA MET B 373 8.50 -37.18 14.65
C MET B 373 7.50 -38.18 15.29
N ARG B 374 6.21 -37.97 15.09
CA ARG B 374 5.23 -38.91 15.68
C ARG B 374 5.33 -40.26 14.99
N ARG B 375 5.42 -40.25 13.67
CA ARG B 375 5.39 -41.51 12.88
C ARG B 375 6.63 -42.32 13.20
N GLU B 376 7.71 -41.63 13.58
CA GLU B 376 9.01 -42.26 13.96
C GLU B 376 8.88 -42.96 15.33
N GLY B 377 8.03 -42.45 16.24
CA GLY B 377 7.86 -43.00 17.60
C GLY B 377 8.11 -41.98 18.69
N PHE B 378 8.07 -40.67 18.38
CA PHE B 378 8.36 -39.62 19.38
C PHE B 378 7.09 -39.24 20.16
N GLU B 379 7.31 -38.67 21.33
CA GLU B 379 6.22 -38.17 22.21
C GLU B 379 6.63 -36.78 22.68
N LEU B 380 5.74 -35.81 22.62
CA LEU B 380 6.13 -34.44 23.07
C LEU B 380 4.87 -33.60 23.27
N ALA B 381 5.06 -32.41 23.85
CA ALA B 381 4.01 -31.39 24.07
C ALA B 381 4.41 -30.12 23.33
N VAL B 382 3.43 -29.47 22.69
CA VAL B 382 3.76 -28.27 21.86
C VAL B 382 2.83 -27.12 22.21
N SER B 383 3.39 -25.91 22.25
CA SER B 383 2.68 -24.65 22.50
C SER B 383 2.08 -24.14 21.19
N ARG B 384 1.18 -23.15 21.26
CA ARG B 384 0.49 -22.73 20.02
C ARG B 384 1.46 -21.97 19.12
N PRO B 385 1.26 -22.01 17.79
CA PRO B 385 2.06 -21.20 16.88
C PRO B 385 1.96 -19.68 17.16
N LYS B 386 3.11 -19.00 17.29
CA LYS B 386 3.12 -17.54 17.58
C LYS B 386 4.38 -16.89 17.01
N VAL B 387 4.42 -15.56 16.97
CA VAL B 387 5.58 -14.86 16.36
C VAL B 387 6.60 -14.54 17.45
N ILE B 388 7.84 -14.19 17.10
CA ILE B 388 8.75 -13.66 18.16
C ILE B 388 8.82 -12.14 17.99
N PHE B 389 8.38 -11.43 19.02
CA PHE B 389 8.49 -9.96 19.15
C PHE B 389 9.93 -9.65 19.57
N ARG B 390 10.67 -8.96 18.71
CA ARG B 390 12.10 -8.60 18.93
C ARG B 390 12.18 -7.10 19.17
N GLU B 391 12.99 -6.70 20.15
CA GLU B 391 13.22 -5.25 20.39
C GLU B 391 14.38 -4.80 19.47
N ILE B 392 14.06 -3.97 18.47
CA ILE B 392 15.03 -3.33 17.53
C ILE B 392 14.91 -1.81 17.72
N ASP B 393 16.03 -1.13 18.01
CA ASP B 393 16.01 0.34 18.32
C ASP B 393 15.16 0.54 19.59
N GLY B 394 15.37 -0.31 20.60
CA GLY B 394 14.73 -0.19 21.94
C GLY B 394 13.20 -0.20 21.91
N ARG B 395 12.62 -0.76 20.83
CA ARG B 395 11.15 -0.84 20.62
C ARG B 395 10.82 -2.26 20.15
N LYS B 396 9.72 -2.86 20.61
CA LYS B 396 9.36 -4.22 20.16
C LYS B 396 8.75 -4.12 18.76
N GLN B 397 9.25 -4.92 17.83
CA GLN B 397 8.69 -4.98 16.45
C GLN B 397 8.32 -6.43 16.14
N GLU B 398 7.44 -6.63 15.17
CA GLU B 398 7.07 -8.01 14.76
C GLU B 398 7.35 -8.15 13.27
N PRO B 399 7.49 -9.39 12.77
CA PRO B 399 7.71 -9.60 11.34
C PRO B 399 6.42 -9.33 10.53
N TYR B 400 6.62 -8.81 9.32
CA TYR B 400 5.58 -8.50 8.32
C TYR B 400 5.89 -9.30 7.04
N GLU B 401 4.84 -9.73 6.34
CA GLU B 401 4.98 -10.58 5.14
C GLU B 401 4.35 -9.89 3.94
N ASN B 402 4.86 -10.18 2.74
CA ASN B 402 4.17 -9.84 1.46
C ASN B 402 3.35 -11.06 1.08
N VAL B 403 2.10 -10.86 0.79
CA VAL B 403 1.20 -11.99 0.54
C VAL B 403 0.52 -11.76 -0.81
N THR B 404 0.27 -12.86 -1.53
CA THR B 404 -0.48 -12.82 -2.78
C THR B 404 -1.61 -13.81 -2.67
N LEU B 405 -2.81 -13.40 -3.04
CA LEU B 405 -3.95 -14.32 -3.05
C LEU B 405 -4.42 -14.36 -4.49
N ASP B 406 -4.46 -15.56 -5.07
CA ASP B 406 -5.03 -15.76 -6.42
C ASP B 406 -6.32 -16.54 -6.24
N VAL B 407 -7.45 -15.89 -6.53
CA VAL B 407 -8.79 -16.50 -6.24
C VAL B 407 -9.73 -16.36 -7.45
N GLU B 408 -10.77 -17.19 -7.50
CA GLU B 408 -11.86 -16.96 -8.45
C GLU B 408 -12.56 -15.64 -8.04
N GLU B 409 -13.05 -14.86 -9.00
CA GLU B 409 -13.69 -13.54 -8.71
C GLU B 409 -14.74 -13.65 -7.59
N GLN B 410 -15.56 -14.70 -7.61
CA GLN B 410 -16.67 -14.89 -6.64
C GLN B 410 -16.16 -14.93 -5.19
N HIS B 411 -14.85 -15.02 -4.94
CA HIS B 411 -14.35 -15.17 -3.56
C HIS B 411 -13.68 -13.87 -3.07
N GLN B 412 -13.64 -12.88 -3.94
CA GLN B 412 -12.89 -11.61 -3.69
C GLN B 412 -13.45 -10.92 -2.45
N GLY B 413 -14.76 -10.68 -2.42
CA GLY B 413 -15.39 -9.98 -1.29
C GLY B 413 -15.03 -10.59 0.06
N SER B 414 -15.28 -11.88 0.22
CA SER B 414 -15.13 -12.50 1.57
C SER B 414 -13.65 -12.68 1.92
N VAL B 415 -12.79 -12.93 0.93
CA VAL B 415 -11.34 -13.05 1.16
C VAL B 415 -10.79 -11.73 1.66
N MET B 416 -11.24 -10.63 1.07
CA MET B 416 -10.73 -9.28 1.45
C MET B 416 -11.24 -8.93 2.87
N GLN B 417 -12.48 -9.25 3.17
CA GLN B 417 -13.02 -8.91 4.51
C GLN B 417 -12.16 -9.60 5.59
N ALA B 418 -11.89 -10.88 5.37
CA ALA B 418 -11.17 -11.72 6.33
C ALA B 418 -9.73 -11.22 6.49
N LEU B 419 -9.13 -10.74 5.39
CA LEU B 419 -7.77 -10.21 5.50
C LEU B 419 -7.76 -8.87 6.23
N GLY B 420 -8.68 -7.97 5.91
CA GLY B 420 -8.80 -6.73 6.70
C GLY B 420 -8.92 -7.06 8.19
N GLU B 421 -9.74 -8.07 8.54
CA GLU B 421 -9.96 -8.48 9.95
C GLU B 421 -8.65 -9.00 10.54
N ARG B 422 -7.76 -9.53 9.69
CA ARG B 422 -6.46 -10.10 10.16
C ARG B 422 -5.38 -9.02 10.09
N LYS B 423 -5.77 -7.75 9.97
CA LYS B 423 -4.82 -6.61 9.96
C LYS B 423 -4.00 -6.61 8.66
N GLY B 424 -4.62 -7.00 7.55
CA GLY B 424 -3.91 -7.03 6.26
C GLY B 424 -4.05 -5.73 5.55
N ASP B 425 -2.92 -5.14 5.11
CA ASP B 425 -2.90 -3.89 4.31
C ASP B 425 -3.00 -4.23 2.82
N LEU B 426 -4.08 -3.83 2.16
CA LEU B 426 -4.22 -4.10 0.69
C LEU B 426 -3.19 -3.25 -0.07
N LYS B 427 -2.54 -3.83 -1.11
CA LYS B 427 -1.52 -3.07 -1.91
C LYS B 427 -1.78 -3.22 -3.42
N ASN B 428 -2.62 -4.16 -3.84
CA ASN B 428 -2.87 -4.28 -5.29
C ASN B 428 -4.04 -5.21 -5.57
N MET B 429 -4.83 -4.87 -6.56
CA MET B 429 -5.94 -5.72 -7.07
C MET B 429 -5.77 -5.77 -8.60
N ASN B 430 -5.74 -6.99 -9.15
CA ASN B 430 -5.55 -7.20 -10.61
C ASN B 430 -6.38 -8.38 -11.10
N PRO B 431 -7.59 -8.15 -11.67
CA PRO B 431 -8.38 -9.21 -12.30
C PRO B 431 -7.80 -9.60 -13.68
N ASP B 432 -8.05 -10.83 -14.13
CA ASP B 432 -7.45 -11.20 -15.43
C ASP B 432 -8.51 -11.19 -16.55
N GLY B 433 -9.79 -11.02 -16.22
CA GLY B 433 -10.86 -11.07 -17.24
C GLY B 433 -11.15 -12.49 -17.69
N LYS B 434 -10.64 -13.48 -16.95
CA LYS B 434 -10.83 -14.91 -17.28
C LYS B 434 -11.39 -15.67 -16.06
N GLY B 435 -11.78 -14.96 -14.99
CA GLY B 435 -12.46 -15.61 -13.85
C GLY B 435 -11.66 -15.54 -12.57
N ARG B 436 -10.54 -14.82 -12.55
CA ARG B 436 -9.59 -14.88 -11.39
C ARG B 436 -9.06 -13.49 -11.06
N VAL B 437 -8.67 -13.28 -9.81
CA VAL B 437 -8.13 -11.96 -9.39
C VAL B 437 -6.94 -12.22 -8.48
N ARG B 438 -5.97 -11.31 -8.53
CA ARG B 438 -4.77 -11.35 -7.66
C ARG B 438 -4.84 -10.18 -6.70
N LEU B 439 -4.67 -10.47 -5.41
CA LEU B 439 -4.68 -9.46 -4.32
C LEU B 439 -3.31 -9.51 -3.64
N ASP B 440 -2.62 -8.37 -3.59
CA ASP B 440 -1.32 -8.33 -2.88
C ASP B 440 -1.56 -7.62 -1.57
N TYR B 441 -1.03 -8.17 -0.49
CA TYR B 441 -1.19 -7.58 0.83
C TYR B 441 0.16 -7.52 1.52
N VAL B 442 0.27 -6.57 2.46
CA VAL B 442 1.33 -6.57 3.49
C VAL B 442 0.63 -6.85 4.81
N ILE B 443 1.04 -7.90 5.50
CA ILE B 443 0.36 -8.33 6.76
C ILE B 443 1.41 -8.76 7.75
N PRO B 444 1.25 -8.49 9.07
CA PRO B 444 2.16 -9.04 10.05
C PRO B 444 2.05 -10.55 9.93
N SER B 445 3.16 -11.26 10.13
CA SER B 445 3.09 -12.73 10.09
C SER B 445 2.07 -13.25 11.12
N ARG B 446 1.87 -12.50 12.21
CA ARG B 446 0.97 -12.93 13.32
C ARG B 446 -0.47 -12.99 12.81
N GLY B 447 -0.80 -12.17 11.83
CA GLY B 447 -2.17 -12.16 11.27
C GLY B 447 -2.37 -13.25 10.25
N LEU B 448 -1.27 -13.90 9.84
CA LEU B 448 -1.30 -14.93 8.77
C LEU B 448 -1.47 -16.34 9.38
N ILE B 449 -1.16 -16.47 10.65
CA ILE B 449 -1.21 -17.79 11.33
C ILE B 449 -2.66 -18.20 11.40
N GLY B 450 -2.97 -19.39 10.90
CA GLY B 450 -4.35 -19.90 10.94
C GLY B 450 -5.14 -19.53 9.70
N PHE B 451 -4.58 -18.70 8.85
CA PHE B 451 -5.36 -18.20 7.71
C PHE B 451 -5.40 -19.20 6.56
N ARG B 452 -4.37 -20.03 6.44
CA ARG B 452 -4.24 -20.87 5.23
C ARG B 452 -5.46 -21.77 5.12
N SER B 453 -5.93 -22.21 6.28
CA SER B 453 -7.04 -23.17 6.46
C SER B 453 -8.39 -22.50 6.23
N GLU B 454 -8.58 -21.32 6.80
CA GLU B 454 -9.81 -20.52 6.57
C GLU B 454 -9.84 -20.10 5.07
N PHE B 455 -8.65 -19.81 4.53
CA PHE B 455 -8.56 -19.45 3.09
C PHE B 455 -9.06 -20.62 2.20
N MET B 456 -8.64 -21.87 2.49
CA MET B 456 -9.06 -23.04 1.67
C MET B 456 -10.57 -23.27 1.76
N THR B 457 -11.13 -23.22 2.97
CA THR B 457 -12.61 -23.36 3.16
C THR B 457 -13.36 -22.23 2.42
N MET B 458 -12.96 -20.97 2.59
CA MET B 458 -13.67 -19.86 1.96
C MET B 458 -13.65 -20.01 0.43
N THR B 459 -12.53 -20.49 -0.15
CA THR B 459 -12.40 -20.56 -1.63
C THR B 459 -12.74 -21.97 -2.12
N SER B 460 -13.18 -22.86 -1.23
CA SER B 460 -13.49 -24.29 -1.56
C SER B 460 -12.27 -24.98 -2.21
N GLY B 461 -11.05 -24.66 -1.75
CA GLY B 461 -9.83 -25.28 -2.32
C GLY B 461 -9.48 -24.75 -3.73
N THR B 462 -10.08 -23.65 -4.17
CA THR B 462 -9.80 -23.06 -5.52
C THR B 462 -8.76 -21.94 -5.38
N GLY B 463 -8.42 -21.52 -4.18
CA GLY B 463 -7.51 -20.38 -4.06
C GLY B 463 -6.07 -20.80 -3.94
N LEU B 464 -5.17 -19.86 -4.25
CA LEU B 464 -3.73 -19.99 -4.11
C LEU B 464 -3.26 -18.86 -3.20
N LEU B 465 -2.37 -19.16 -2.27
CA LEU B 465 -1.85 -18.18 -1.26
C LEU B 465 -0.32 -18.21 -1.29
N TYR B 466 0.32 -17.06 -1.48
CA TYR B 466 1.78 -17.01 -1.48
C TYR B 466 2.22 -16.06 -0.37
N SER B 467 3.44 -16.30 0.09
CA SER B 467 4.07 -15.57 1.22
C SER B 467 5.55 -15.32 0.87
N THR B 468 6.06 -14.11 1.14
CA THR B 468 7.49 -13.71 0.99
C THR B 468 7.84 -12.81 2.19
N PHE B 469 8.83 -13.16 3.01
CA PHE B 469 9.18 -12.30 4.18
C PHE B 469 9.61 -10.91 3.70
N SER B 470 9.09 -9.87 4.34
CA SER B 470 9.35 -8.46 3.96
C SER B 470 10.26 -7.76 4.98
N HIS B 471 9.72 -7.49 6.17
CA HIS B 471 10.45 -6.65 7.15
C HIS B 471 9.83 -6.75 8.55
N TYR B 472 10.55 -6.22 9.54
CA TYR B 472 10.06 -5.96 10.91
C TYR B 472 9.60 -4.50 10.98
N ASP B 473 8.55 -4.22 11.77
CA ASP B 473 7.97 -2.85 11.86
C ASP B 473 7.23 -2.75 13.19
N ASP B 474 6.81 -1.54 13.57
CA ASP B 474 6.04 -1.33 14.84
C ASP B 474 4.93 -2.37 14.91
N ILE B 475 4.72 -2.93 16.10
CA ILE B 475 3.62 -3.88 16.45
C ILE B 475 2.28 -3.24 16.06
N ARG B 476 1.49 -3.93 15.24
CA ARG B 476 0.15 -3.43 14.88
C ARG B 476 -0.78 -3.79 16.05
N PRO B 477 -1.53 -2.84 16.61
CA PRO B 477 -2.20 -3.09 17.90
C PRO B 477 -3.41 -4.06 17.89
N GLY B 478 -3.60 -4.77 19.00
CA GLY B 478 -4.75 -5.68 19.15
C GLY B 478 -4.37 -7.13 18.90
N GLU B 479 -5.13 -8.06 19.46
CA GLU B 479 -4.89 -9.54 19.40
C GLU B 479 -5.45 -10.11 18.08
N VAL B 480 -5.00 -11.30 17.64
CA VAL B 480 -5.50 -11.92 16.36
C VAL B 480 -6.15 -13.28 16.66
N GLY B 481 -7.28 -13.55 16.00
CA GLY B 481 -8.02 -14.83 16.04
C GLY B 481 -8.39 -15.25 17.46
N GLN B 482 -8.95 -14.35 18.26
CA GLN B 482 -9.32 -14.67 19.67
C GLN B 482 -10.39 -15.76 19.71
N ARG B 483 -10.11 -16.87 20.38
CA ARG B 483 -11.10 -17.96 20.53
C ARG B 483 -12.23 -17.45 21.43
N GLN B 484 -13.47 -17.54 20.96
CA GLN B 484 -14.65 -16.97 21.67
C GLN B 484 -15.22 -18.03 22.61
N ASN B 485 -14.91 -19.31 22.38
CA ASN B 485 -15.45 -20.41 23.22
C ASN B 485 -14.43 -20.84 24.27
N GLY B 486 -14.93 -21.25 25.43
CA GLY B 486 -14.09 -21.85 26.48
C GLY B 486 -14.01 -23.35 26.32
N VAL B 487 -13.35 -24.02 27.26
CA VAL B 487 -13.11 -25.48 27.16
C VAL B 487 -13.69 -26.18 28.38
N LEU B 488 -13.83 -27.50 28.26
CA LEU B 488 -14.25 -28.39 29.35
C LEU B 488 -13.03 -29.16 29.77
N ILE B 489 -12.65 -29.01 31.02
CA ILE B 489 -11.42 -29.61 31.58
C ILE B 489 -11.79 -30.71 32.58
N SER B 490 -11.17 -31.87 32.42
CA SER B 490 -11.40 -32.96 33.40
C SER B 490 -10.78 -32.57 34.75
N ASN B 491 -11.49 -32.89 35.83
CA ASN B 491 -11.07 -32.59 37.22
C ASN B 491 -10.52 -33.85 37.90
N GLY B 492 -10.30 -34.92 37.14
CA GLY B 492 -9.82 -36.16 37.73
C GLY B 492 -9.09 -36.99 36.70
N GLN B 493 -8.43 -38.05 37.13
CA GLN B 493 -7.78 -38.97 36.18
C GLN B 493 -8.48 -40.31 36.25
N GLY B 494 -8.82 -40.89 35.09
CA GLY B 494 -9.41 -42.23 35.06
C GLY B 494 -10.21 -42.43 33.79
N LYS B 495 -11.23 -43.28 33.85
CA LYS B 495 -12.05 -43.67 32.71
C LYS B 495 -13.21 -42.67 32.55
N ALA B 496 -13.37 -42.09 31.37
CA ALA B 496 -14.55 -41.26 31.09
C ALA B 496 -15.78 -42.16 30.97
N VAL B 497 -16.91 -41.76 31.57
CA VAL B 497 -18.10 -42.63 31.59
C VAL B 497 -19.27 -41.93 30.88
N ALA B 498 -20.07 -42.77 30.21
CA ALA B 498 -21.17 -42.42 29.30
C ALA B 498 -22.18 -41.50 29.97
N PHE B 499 -22.63 -41.85 31.16
CA PHE B 499 -23.72 -41.11 31.82
C PHE B 499 -23.26 -39.69 32.12
N ALA B 500 -21.97 -39.50 32.41
CA ALA B 500 -21.43 -38.16 32.72
C ALA B 500 -21.20 -37.38 31.41
N LEU B 501 -20.65 -38.03 30.37
CA LEU B 501 -20.53 -37.40 29.04
C LEU B 501 -21.93 -37.08 28.50
N PHE B 502 -22.95 -37.85 28.85
CA PHE B 502 -24.29 -37.59 28.28
C PHE B 502 -24.81 -36.24 28.79
N GLY B 503 -24.55 -35.92 30.07
CA GLY B 503 -24.90 -34.61 30.65
C GLY B 503 -24.05 -33.49 30.07
N LEU B 504 -22.73 -33.73 29.90
CA LEU B 504 -21.80 -32.68 29.39
C LEU B 504 -22.01 -32.39 27.89
N GLN B 505 -22.42 -33.38 27.10
CA GLN B 505 -22.59 -33.12 25.64
C GLN B 505 -23.75 -32.11 25.50
N ASP B 506 -24.54 -31.94 26.54
CA ASP B 506 -25.62 -30.90 26.54
C ASP B 506 -25.04 -29.52 26.90
N ARG B 507 -23.72 -29.44 27.24
CA ARG B 507 -23.06 -28.15 27.64
C ARG B 507 -22.04 -27.72 26.56
N GLY B 508 -21.85 -28.56 25.55
CA GLY B 508 -20.87 -28.24 24.49
C GLY B 508 -20.56 -29.48 23.70
N LYS B 509 -19.48 -29.47 22.94
CA LYS B 509 -19.14 -30.64 22.05
C LYS B 509 -17.95 -31.37 22.66
N LEU B 510 -17.92 -32.70 22.58
CA LEU B 510 -16.88 -33.54 23.27
C LEU B 510 -15.82 -34.05 22.28
N PHE B 511 -14.60 -34.25 22.80
CA PHE B 511 -13.41 -34.76 22.04
C PHE B 511 -13.19 -36.26 22.29
N LEU B 512 -14.07 -36.88 23.04
CA LEU B 512 -13.89 -38.30 23.41
C LEU B 512 -15.21 -38.84 23.94
N GLY B 513 -15.35 -40.17 23.98
CA GLY B 513 -16.58 -40.87 24.41
C GLY B 513 -16.32 -41.83 25.56
N HIS B 514 -17.26 -42.75 25.77
CA HIS B 514 -17.15 -43.72 26.89
C HIS B 514 -15.86 -44.53 26.78
N GLY B 515 -15.20 -44.83 27.91
CA GLY B 515 -13.98 -45.68 27.92
C GLY B 515 -12.67 -44.89 27.79
N ALA B 516 -12.70 -43.64 27.33
CA ALA B 516 -11.41 -42.93 27.11
C ALA B 516 -10.69 -42.71 28.46
N GLU B 517 -9.36 -42.88 28.49
CA GLU B 517 -8.60 -42.59 29.74
C GLU B 517 -8.28 -41.10 29.76
N VAL B 518 -8.66 -40.40 30.85
CA VAL B 518 -8.44 -38.92 30.92
C VAL B 518 -7.55 -38.67 32.11
N TYR B 519 -6.96 -37.47 32.22
CA TYR B 519 -6.17 -37.10 33.42
C TYR B 519 -6.59 -35.69 33.85
N GLU B 520 -6.33 -35.32 35.09
CA GLU B 520 -6.80 -33.97 35.56
C GLU B 520 -6.11 -32.86 34.72
N GLY B 521 -6.88 -31.90 34.23
CA GLY B 521 -6.34 -30.82 33.41
C GLY B 521 -6.39 -31.11 31.92
N GLN B 522 -6.71 -32.36 31.54
CA GLN B 522 -6.89 -32.71 30.11
C GLN B 522 -8.14 -32.00 29.61
N ILE B 523 -8.06 -31.36 28.45
CA ILE B 523 -9.27 -30.71 27.84
C ILE B 523 -10.07 -31.82 27.15
N ILE B 524 -11.36 -31.90 27.40
CA ILE B 524 -12.16 -33.04 26.86
C ILE B 524 -13.29 -32.51 25.96
N GLY B 525 -13.48 -31.19 25.92
CA GLY B 525 -14.51 -30.66 25.01
C GLY B 525 -14.46 -29.16 24.89
N ILE B 526 -15.35 -28.64 24.04
CA ILE B 526 -15.52 -27.19 23.75
C ILE B 526 -16.75 -26.73 24.51
N HIS B 527 -16.59 -25.69 25.31
CA HIS B 527 -17.77 -25.18 26.04
C HIS B 527 -18.58 -24.33 25.09
N SER B 528 -19.92 -24.41 25.19
CA SER B 528 -20.85 -23.54 24.43
C SER B 528 -20.66 -22.07 24.86
N ARG B 529 -20.27 -21.84 26.12
CA ARG B 529 -20.04 -20.46 26.66
C ARG B 529 -18.55 -20.13 26.60
N SER B 530 -18.20 -18.85 26.77
CA SER B 530 -16.78 -18.43 26.62
C SER B 530 -15.94 -18.75 27.85
N ASN B 531 -16.53 -19.16 28.97
CA ASN B 531 -15.70 -19.48 30.17
C ASN B 531 -15.30 -20.96 30.18
N ASP B 532 -14.17 -21.26 30.83
CA ASP B 532 -13.71 -22.66 31.02
C ASP B 532 -14.41 -23.28 32.22
N LEU B 533 -14.80 -24.54 32.12
CA LEU B 533 -15.44 -25.26 33.25
C LEU B 533 -14.55 -26.44 33.62
N THR B 534 -14.37 -26.67 34.91
CA THR B 534 -13.69 -27.90 35.36
C THR B 534 -14.79 -28.89 35.67
N VAL B 535 -14.90 -29.95 34.89
CA VAL B 535 -16.07 -30.86 35.01
C VAL B 535 -15.60 -32.23 35.46
N ASN B 536 -16.56 -33.08 35.80
CA ASN B 536 -16.39 -34.47 36.25
C ASN B 536 -16.89 -35.38 35.15
N CYS B 537 -16.05 -36.26 34.60
CA CYS B 537 -16.51 -37.19 33.53
C CYS B 537 -16.26 -38.63 33.98
N LEU B 538 -16.05 -38.82 35.28
CA LEU B 538 -15.61 -40.14 35.79
C LEU B 538 -16.80 -40.83 36.45
N THR B 539 -17.72 -40.06 37.01
CA THR B 539 -18.87 -40.61 37.74
C THR B 539 -20.13 -39.84 37.34
N GLY B 540 -21.31 -40.47 37.47
CA GLY B 540 -22.60 -39.78 37.20
C GLY B 540 -23.31 -39.31 38.47
N LYS B 541 -23.53 -37.99 38.64
CA LYS B 541 -24.16 -37.41 39.86
C LYS B 541 -25.60 -37.94 40.01
N SER B 549 -40.11 -35.12 37.99
CA SER B 549 -40.88 -36.40 38.03
C SER B 549 -40.48 -37.33 36.85
N GLY B 550 -39.87 -36.78 35.78
CA GLY B 550 -39.48 -37.58 34.59
C GLY B 550 -37.98 -37.78 34.49
N THR B 551 -37.51 -38.41 33.39
CA THR B 551 -36.06 -38.66 33.12
C THR B 551 -35.70 -38.20 31.70
N ASP B 552 -34.53 -38.66 31.22
CA ASP B 552 -33.96 -38.23 29.91
C ASP B 552 -33.74 -39.41 28.94
N GLU B 553 -34.62 -40.42 28.98
CA GLU B 553 -34.59 -41.52 27.97
C GLU B 553 -33.15 -42.02 27.73
N ALA B 554 -32.81 -42.31 26.47
CA ALA B 554 -31.66 -43.19 26.16
C ALA B 554 -30.33 -42.45 26.24
N VAL B 555 -29.36 -43.06 26.92
CA VAL B 555 -28.03 -42.42 27.14
C VAL B 555 -27.14 -42.78 25.94
N ILE B 556 -27.14 -41.89 24.95
CA ILE B 556 -26.44 -42.07 23.65
C ILE B 556 -25.62 -40.83 23.40
N LEU B 557 -24.34 -41.03 23.15
CA LEU B 557 -23.40 -39.92 22.96
C LEU B 557 -23.31 -39.56 21.48
N VAL B 558 -23.31 -38.26 21.18
CA VAL B 558 -23.09 -37.80 19.79
C VAL B 558 -21.64 -38.13 19.49
N PRO B 559 -21.30 -38.63 18.29
CA PRO B 559 -19.91 -38.97 17.98
C PRO B 559 -18.93 -37.86 18.30
N PRO B 560 -17.79 -38.19 18.92
CA PRO B 560 -16.81 -37.18 19.31
C PRO B 560 -16.12 -36.46 18.13
N ILE B 561 -15.64 -35.26 18.40
CA ILE B 561 -14.77 -34.54 17.42
C ILE B 561 -13.35 -35.12 17.56
N LYS B 562 -12.79 -35.68 16.49
CA LYS B 562 -11.36 -36.09 16.46
C LYS B 562 -10.62 -35.07 15.60
N MET B 563 -9.88 -34.16 16.26
CA MET B 563 -9.11 -33.08 15.58
C MET B 563 -7.79 -33.60 15.00
N SER B 564 -7.44 -33.13 13.81
CA SER B 564 -6.10 -33.37 13.24
C SER B 564 -5.09 -32.56 14.04
N LEU B 565 -3.79 -32.85 13.87
CA LEU B 565 -2.70 -32.12 14.58
C LEU B 565 -2.87 -30.61 14.34
N GLU B 566 -3.06 -30.25 13.06
CA GLU B 566 -3.24 -28.86 12.55
C GLU B 566 -4.37 -28.14 13.28
N GLN B 567 -5.49 -28.84 13.50
CA GLN B 567 -6.70 -28.27 14.13
C GLN B 567 -6.41 -28.10 15.62
N ALA B 568 -5.79 -29.13 16.22
CA ALA B 568 -5.46 -29.02 17.64
C ALA B 568 -4.56 -27.79 17.84
N LEU B 569 -3.64 -27.57 16.90
CA LEU B 569 -2.69 -26.45 17.09
C LEU B 569 -3.39 -25.11 16.89
N GLU B 570 -4.41 -25.06 16.05
CA GLU B 570 -5.09 -23.76 15.73
C GLU B 570 -6.14 -23.51 16.80
N PHE B 571 -6.55 -24.57 17.46
CA PHE B 571 -7.55 -24.48 18.55
C PHE B 571 -6.92 -23.96 19.85
N ILE B 572 -5.69 -24.39 20.20
CA ILE B 572 -5.15 -24.14 21.58
C ILE B 572 -4.90 -22.64 21.84
N ASP B 573 -5.10 -22.25 23.10
CA ASP B 573 -4.85 -20.87 23.58
C ASP B 573 -3.45 -20.83 24.18
N ASP B 574 -3.04 -19.66 24.68
CA ASP B 574 -1.72 -19.46 25.32
C ASP B 574 -1.57 -20.34 26.58
N ASP B 575 -2.67 -20.70 27.27
CA ASP B 575 -2.53 -21.48 28.55
C ASP B 575 -2.73 -22.97 28.30
N GLU B 576 -2.53 -23.42 27.06
CA GLU B 576 -2.80 -24.85 26.72
C GLU B 576 -1.65 -25.42 25.90
N LEU B 577 -1.65 -26.75 25.73
CA LEU B 577 -0.60 -27.46 24.97
C LEU B 577 -1.26 -28.60 24.24
N VAL B 578 -0.64 -29.05 23.16
CA VAL B 578 -1.11 -30.27 22.49
C VAL B 578 -0.10 -31.34 22.86
N GLU B 579 -0.59 -32.37 23.54
CA GLU B 579 0.24 -33.56 23.85
C GLU B 579 0.21 -34.43 22.60
N VAL B 580 1.38 -34.77 22.11
CA VAL B 580 1.50 -35.49 20.82
C VAL B 580 2.19 -36.84 21.04
N THR B 581 1.60 -37.92 20.52
CA THR B 581 2.20 -39.27 20.52
C THR B 581 2.01 -39.87 19.13
N PRO B 582 2.63 -41.02 18.81
CA PRO B 582 2.44 -41.66 17.52
C PRO B 582 1.02 -42.14 17.23
N THR B 583 0.25 -42.41 18.29
CA THR B 583 -1.11 -43.00 18.14
C THR B 583 -2.18 -41.99 18.59
N SER B 584 -1.79 -40.91 19.31
CA SER B 584 -2.81 -40.00 19.91
C SER B 584 -2.47 -38.51 19.78
N ILE B 585 -3.52 -37.70 19.91
CA ILE B 585 -3.47 -36.23 20.02
C ILE B 585 -4.33 -35.83 21.24
N ARG B 586 -3.69 -35.29 22.27
CA ARG B 586 -4.43 -34.84 23.48
C ARG B 586 -4.25 -33.34 23.65
N ILE B 587 -5.28 -32.66 24.20
CA ILE B 587 -5.23 -31.21 24.47
C ILE B 587 -5.21 -31.05 25.99
N ARG B 588 -4.38 -30.14 26.51
CA ARG B 588 -4.33 -30.02 27.98
C ARG B 588 -4.01 -28.59 28.41
N LYS B 589 -4.40 -28.24 29.64
CA LYS B 589 -3.97 -26.97 30.26
C LYS B 589 -2.50 -27.11 30.66
N ARG B 590 -1.75 -26.01 30.62
CA ARG B 590 -0.35 -25.99 31.13
C ARG B 590 -0.42 -26.30 32.61
N HIS B 591 -1.35 -25.69 33.33
CA HIS B 591 -1.57 -25.87 34.79
C HIS B 591 -2.71 -26.91 35.00
N LEU B 592 -2.34 -28.15 35.32
CA LEU B 592 -3.24 -29.33 35.29
C LEU B 592 -4.30 -29.30 36.41
N THR B 593 -4.07 -28.56 37.49
CA THR B 593 -5.08 -28.56 38.60
C THR B 593 -5.85 -27.22 38.56
N GLU B 594 -7.11 -27.27 38.94
CA GLU B 594 -7.97 -26.06 38.95
C GLU B 594 -7.36 -25.03 39.90
N ASN B 595 -6.77 -25.46 41.02
CA ASN B 595 -6.26 -24.46 41.99
C ASN B 595 -5.02 -23.77 41.40
N ASP B 596 -4.21 -24.50 40.62
CA ASP B 596 -3.02 -23.92 39.93
C ASP B 596 -3.47 -22.88 38.87
N ARG B 597 -4.53 -23.17 38.11
CA ARG B 597 -5.09 -22.22 37.10
C ARG B 597 -5.66 -20.98 37.81
N ARG B 598 -6.23 -21.14 38.99
CA ARG B 598 -6.69 -20.01 39.84
C ARG B 598 -5.54 -19.04 40.14
N ARG B 599 -4.34 -19.55 40.51
CA ARG B 599 -3.22 -18.65 40.97
C ARG B 599 -2.42 -18.12 39.77
N ALA B 600 -2.95 -18.26 38.56
CA ALA B 600 -2.39 -17.63 37.35
C ALA B 600 -3.37 -16.55 36.86
N ASN B 601 -4.66 -16.91 36.73
CA ASN B 601 -5.78 -16.00 36.35
C ASN B 601 -5.67 -15.68 34.85
NA NA C . 7.74 24.96 9.88
NA NA D . -1.58 17.71 -6.49
NA NA E . 24.29 -12.81 5.28
NA NA F . 4.56 -17.10 7.75
#